data_7D7O
#
_entry.id   7D7O
#
_cell.length_a   116.708
_cell.length_b   116.708
_cell.length_c   147.794
_cell.angle_alpha   90.000
_cell.angle_beta   90.000
_cell.angle_gamma   90.000
#
_symmetry.space_group_name_H-M   'P 43 21 2'
#
loop_
_entity.id
_entity.type
_entity.pdbx_description
1 polymer 'Bifunctional cystathionine gamma-lyase/homocysteine desulfhydrase'
2 non-polymer "PYRIDOXAL-5'-PHOSPHATE"
3 non-polymer GLYCEROL
4 non-polymer 'SULFATE ION'
5 water water
#
_entity_poly.entity_id   1
_entity_poly.type   'polypeptide(L)'
_entity_poly.pdbx_seq_one_letter_code
;MRAKTKLIHGIRIGEPSTGSVNVPIYQTSTYKQEAVGKHQGYEYSRTGNPTRAALEEMIAVLENGHAGFAFGSGMAAITA
TIMLFSKGDHVILTDDVYGGTYRVITKVLNRFGIEHTFVDTTNLEEVEEAIRPNTKAIYVETPTNPLLKITDIKKISTLA
KEKDLLTIIDNTFMTPYWQSPISLGADIVLHSATKYLGGHSDVVAGLVVVNSPQLAEDLHFVQNSTGGILGPQDSFLLLR
GLKTLGIRMEEHETNSRAIAEFLNNHPKVNKVYYPGLESHQNHELATEQANGFGAIISFDVDSEETLNKVLEKLQYFTLA
ESLGAVESLISIPSQMTHASIPADRRKELGITDTLIRISVGIEDGEDLIEDLAQALA
;
_entity_poly.pdbx_strand_id   A,B
#
# COMPACT_ATOMS: atom_id res chain seq x y z
N MET A 1 11.05 -1.31 -31.99
CA MET A 1 9.66 -1.13 -32.37
C MET A 1 9.28 0.32 -32.04
N ARG A 2 8.34 0.90 -32.79
CA ARG A 2 7.85 2.27 -32.52
C ARG A 2 7.05 2.26 -31.19
N ALA A 3 6.75 3.43 -30.63
CA ALA A 3 6.12 3.59 -29.30
C ALA A 3 4.74 2.92 -29.26
N LYS A 4 3.90 3.12 -30.27
CA LYS A 4 2.53 2.53 -30.30
C LYS A 4 2.62 1.01 -30.21
N THR A 5 3.66 0.43 -30.82
CA THR A 5 3.87 -1.03 -30.92
C THR A 5 4.28 -1.53 -29.55
N LYS A 6 5.09 -0.74 -28.82
CA LYS A 6 5.71 -1.17 -27.54
C LYS A 6 4.59 -1.31 -26.49
N LEU A 7 3.54 -0.51 -26.61
CA LEU A 7 2.41 -0.57 -25.65
C LEU A 7 1.68 -1.91 -25.77
N ILE A 8 1.71 -2.53 -26.96
CA ILE A 8 1.05 -3.83 -27.23
C ILE A 8 2.04 -4.98 -27.03
N HIS A 9 3.32 -4.82 -27.36
CA HIS A 9 4.31 -5.94 -27.37
C HIS A 9 5.53 -5.67 -26.50
N GLY A 10 5.46 -4.74 -25.55
CA GLY A 10 6.57 -4.51 -24.60
C GLY A 10 7.01 -5.79 -23.88
N ILE A 11 6.06 -6.63 -23.43
CA ILE A 11 6.30 -7.99 -22.82
C ILE A 11 5.79 -9.08 -23.76
N ARG A 12 6.26 -10.32 -23.56
CA ARG A 12 5.86 -11.54 -24.32
C ARG A 12 4.33 -11.71 -24.26
N ILE A 13 3.65 -11.62 -25.42
CA ILE A 13 2.22 -11.99 -25.58
C ILE A 13 2.15 -13.52 -25.71
N GLY A 14 1.37 -14.16 -24.83
CA GLY A 14 1.27 -15.62 -24.74
C GLY A 14 1.86 -16.09 -23.44
N GLU A 15 1.05 -16.20 -22.38
CA GLU A 15 1.48 -16.65 -21.03
C GLU A 15 1.97 -18.09 -21.20
N PRO A 16 3.13 -18.46 -20.61
CA PRO A 16 3.73 -19.78 -20.85
C PRO A 16 2.79 -21.01 -20.77
N SER A 17 2.02 -21.15 -19.69
CA SER A 17 1.28 -22.40 -19.35
C SER A 17 0.12 -22.69 -20.33
N THR A 18 -0.62 -21.68 -20.80
CA THR A 18 -1.85 -21.88 -21.61
C THR A 18 -1.84 -21.13 -22.96
N GLY A 19 -0.92 -20.19 -23.20
CA GLY A 19 -0.88 -19.35 -24.41
C GLY A 19 -1.86 -18.17 -24.36
N SER A 20 -2.58 -18.00 -23.25
CA SER A 20 -3.43 -16.78 -23.03
C SER A 20 -2.70 -15.56 -23.59
N VAL A 21 -3.38 -14.78 -24.41
CA VAL A 21 -2.82 -13.53 -24.97
C VAL A 21 -2.86 -12.45 -23.89
N ASN A 22 -3.46 -12.71 -22.73
CA ASN A 22 -3.45 -11.76 -21.60
C ASN A 22 -2.69 -12.35 -20.43
N VAL A 23 -2.24 -11.50 -19.51
CA VAL A 23 -1.69 -11.88 -18.20
C VAL A 23 -2.85 -12.34 -17.32
N PRO A 24 -2.79 -13.57 -16.75
CA PRO A 24 -3.82 -14.04 -15.83
C PRO A 24 -3.75 -13.20 -14.54
N ILE A 25 -4.88 -13.11 -13.84
CA ILE A 25 -5.00 -12.39 -12.55
C ILE A 25 -4.70 -13.40 -11.46
N TYR A 26 -3.51 -13.34 -10.89
CA TYR A 26 -3.07 -14.24 -9.81
C TYR A 26 -3.61 -13.68 -8.48
N GLN A 27 -4.90 -13.92 -8.26
CA GLN A 27 -5.66 -13.62 -7.00
C GLN A 27 -5.30 -14.72 -6.01
N THR A 28 -4.11 -14.56 -5.41
CA THR A 28 -3.43 -15.58 -4.59
C THR A 28 -2.45 -14.87 -3.67
N SER A 29 -2.30 -15.38 -2.47
CA SER A 29 -1.28 -14.87 -1.50
C SER A 29 -0.03 -15.75 -1.52
N THR A 30 -0.12 -17.03 -1.90
CA THR A 30 1.03 -17.94 -1.69
C THR A 30 1.12 -19.06 -2.72
N TYR A 31 2.27 -19.74 -2.70
CA TYR A 31 2.75 -20.60 -3.82
C TYR A 31 3.38 -21.84 -3.19
N LYS A 32 2.97 -23.02 -3.70
CA LYS A 32 3.46 -24.34 -3.28
C LYS A 32 4.91 -24.42 -3.71
N GLN A 33 5.79 -24.79 -2.79
CA GLN A 33 7.23 -25.03 -3.05
C GLN A 33 7.46 -26.55 -3.20
N GLU A 34 8.17 -26.92 -4.27
CA GLU A 34 8.61 -28.30 -4.61
C GLU A 34 9.48 -28.84 -3.48
N ALA A 35 10.46 -28.07 -3.01
CA ALA A 35 11.31 -28.40 -1.86
C ALA A 35 11.52 -27.12 -1.07
N VAL A 36 12.14 -27.19 0.12
CA VAL A 36 12.37 -26.01 0.99
C VAL A 36 13.22 -24.99 0.21
N GLY A 37 12.56 -23.98 -0.35
CA GLY A 37 13.15 -22.85 -1.08
C GLY A 37 13.39 -23.16 -2.55
N LYS A 38 12.53 -23.98 -3.19
CA LYS A 38 12.74 -24.52 -4.56
C LYS A 38 11.44 -24.65 -5.38
N HIS A 39 10.43 -23.79 -5.15
CA HIS A 39 9.61 -23.20 -6.25
C HIS A 39 10.05 -21.75 -6.37
N GLN A 40 11.01 -21.51 -7.28
CA GLN A 40 11.92 -20.34 -7.26
C GLN A 40 11.10 -19.10 -7.57
N GLY A 41 10.48 -19.09 -8.76
CA GLY A 41 9.77 -17.95 -9.37
C GLY A 41 9.04 -17.12 -8.34
N TYR A 42 8.10 -17.71 -7.58
CA TYR A 42 7.17 -17.00 -6.68
C TYR A 42 7.01 -17.76 -5.38
N GLU A 43 6.93 -17.00 -4.29
CA GLU A 43 6.96 -17.50 -2.90
C GLU A 43 5.85 -16.85 -2.07
N TYR A 44 5.68 -15.54 -2.20
CA TYR A 44 4.68 -14.77 -1.41
C TYR A 44 4.33 -13.49 -2.17
N SER A 45 3.03 -13.22 -2.33
CA SER A 45 2.51 -12.19 -3.27
C SER A 45 2.97 -10.78 -2.86
N ARG A 46 3.25 -10.50 -1.58
CA ARG A 46 3.84 -9.20 -1.18
C ARG A 46 5.20 -9.01 -1.86
N THR A 47 6.02 -10.05 -1.85
CA THR A 47 7.41 -10.04 -2.34
C THR A 47 7.40 -10.00 -3.86
N GLY A 48 6.56 -10.84 -4.48
CA GLY A 48 6.34 -10.88 -5.94
C GLY A 48 5.06 -11.61 -6.30
N ASN A 49 4.35 -11.10 -7.30
CA ASN A 49 3.07 -11.62 -7.80
C ASN A 49 3.14 -11.55 -9.32
N PRO A 50 2.81 -12.61 -10.05
CA PRO A 50 3.08 -12.64 -11.49
C PRO A 50 2.33 -11.54 -12.26
N THR A 51 1.11 -11.20 -11.84
CA THR A 51 0.37 -10.10 -12.51
C THR A 51 1.07 -8.78 -12.24
N ARG A 52 1.45 -8.55 -10.99
CA ARG A 52 2.14 -7.30 -10.64
C ARG A 52 3.50 -7.26 -11.36
N ALA A 53 4.17 -8.41 -11.49
CA ALA A 53 5.50 -8.49 -12.12
C ALA A 53 5.39 -8.12 -13.60
N ALA A 54 4.38 -8.64 -14.32
CA ALA A 54 4.20 -8.24 -15.73
C ALA A 54 4.08 -6.71 -15.80
N LEU A 55 3.32 -6.10 -14.88
CA LEU A 55 3.08 -4.64 -14.86
C LEU A 55 4.42 -3.91 -14.60
N GLU A 56 5.17 -4.39 -13.62
CA GLU A 56 6.49 -3.81 -13.23
C GLU A 56 7.45 -3.91 -14.43
N GLU A 57 7.44 -5.04 -15.14
CA GLU A 57 8.28 -5.18 -16.36
C GLU A 57 7.80 -4.19 -17.43
N MET A 58 6.49 -4.09 -17.64
CA MET A 58 5.95 -3.24 -18.72
C MET A 58 6.40 -1.79 -18.47
N ILE A 59 6.28 -1.25 -17.27
CA ILE A 59 6.58 0.18 -17.07
C ILE A 59 8.11 0.40 -17.21
N ALA A 60 8.93 -0.57 -16.81
CA ALA A 60 10.39 -0.46 -17.03
C ALA A 60 10.64 -0.41 -18.54
N VAL A 61 9.96 -1.25 -19.32
CA VAL A 61 10.21 -1.29 -20.78
C VAL A 61 9.77 0.06 -21.35
N LEU A 62 8.65 0.63 -20.91
CA LEU A 62 8.10 1.85 -21.54
C LEU A 62 8.97 3.09 -21.20
N GLU A 63 9.71 3.09 -20.09
CA GLU A 63 10.60 4.22 -19.69
C GLU A 63 12.06 3.86 -20.01
N ASN A 64 12.31 2.69 -20.58
CA ASN A 64 13.66 2.19 -20.94
C ASN A 64 14.51 2.24 -19.67
N GLY A 65 14.06 1.58 -18.61
CA GLY A 65 14.76 1.57 -17.32
C GLY A 65 15.13 0.16 -16.91
N HIS A 66 15.73 0.00 -15.74
CA HIS A 66 16.27 -1.29 -15.30
C HIS A 66 15.15 -2.17 -14.70
N ALA A 67 14.37 -1.66 -13.73
CA ALA A 67 13.30 -2.40 -13.02
C ALA A 67 12.13 -1.45 -12.71
N GLY A 68 10.94 -2.03 -12.65
CA GLY A 68 9.66 -1.37 -12.29
C GLY A 68 9.15 -1.88 -10.95
N PHE A 69 8.38 -1.05 -10.26
CA PHE A 69 7.75 -1.33 -8.95
C PHE A 69 6.34 -0.72 -8.93
N ALA A 70 5.36 -1.50 -8.45
CA ALA A 70 3.92 -1.14 -8.46
C ALA A 70 3.43 -1.03 -7.01
N PHE A 71 2.82 0.11 -6.71
CA PHE A 71 2.41 0.53 -5.34
C PHE A 71 0.90 0.83 -5.37
N GLY A 72 0.25 0.81 -4.21
CA GLY A 72 -1.21 0.98 -4.08
C GLY A 72 -1.72 2.35 -4.48
N SER A 73 -0.83 3.34 -4.65
CA SER A 73 -1.16 4.70 -5.14
C SER A 73 0.09 5.42 -5.63
N GLY A 74 -0.10 6.57 -6.31
CA GLY A 74 1.00 7.50 -6.63
C GLY A 74 1.70 7.91 -5.34
N MET A 75 0.94 8.24 -4.31
CA MET A 75 1.55 8.67 -3.03
C MET A 75 2.35 7.54 -2.39
N ALA A 76 1.96 6.27 -2.54
CA ALA A 76 2.76 5.16 -2.00
C ALA A 76 4.08 5.03 -2.79
N ALA A 77 4.02 5.27 -4.11
CA ALA A 77 5.19 5.29 -5.02
C ALA A 77 6.14 6.41 -4.57
N ILE A 78 5.60 7.61 -4.41
CA ILE A 78 6.38 8.81 -3.97
C ILE A 78 6.98 8.53 -2.58
N THR A 79 6.23 7.98 -1.63
CA THR A 79 6.69 7.74 -0.23
C THR A 79 7.79 6.66 -0.20
N ALA A 80 7.64 5.55 -0.93
CA ALA A 80 8.63 4.46 -0.96
C ALA A 80 9.95 5.03 -1.51
N THR A 81 9.86 5.91 -2.52
CA THR A 81 11.03 6.54 -3.19
C THR A 81 11.80 7.43 -2.21
N ILE A 82 11.11 8.29 -1.45
CA ILE A 82 11.77 9.21 -0.49
C ILE A 82 12.28 8.37 0.67
N MET A 83 11.63 7.23 0.97
CA MET A 83 12.09 6.34 2.07
C MET A 83 13.32 5.52 1.65
N LEU A 84 13.82 5.67 0.41
CA LEU A 84 15.22 5.27 0.06
C LEU A 84 16.22 6.03 0.93
N PHE A 85 15.90 7.28 1.29
CA PHE A 85 16.77 8.19 2.09
C PHE A 85 16.48 7.99 3.57
N SER A 86 17.25 8.63 4.46
CA SER A 86 17.26 8.41 5.94
C SER A 86 17.25 9.73 6.68
N LYS A 87 16.91 9.70 7.96
CA LYS A 87 17.06 10.83 8.91
C LYS A 87 18.40 11.50 8.59
N GLY A 88 18.38 12.80 8.32
CA GLY A 88 19.60 13.62 8.10
C GLY A 88 19.85 13.92 6.64
N ASP A 89 19.23 13.18 5.72
CA ASP A 89 19.27 13.46 4.27
C ASP A 89 18.33 14.63 3.93
N HIS A 90 18.68 15.32 2.85
CA HIS A 90 17.99 16.53 2.34
C HIS A 90 17.55 16.28 0.89
N VAL A 91 16.37 16.76 0.56
CA VAL A 91 15.81 16.63 -0.82
C VAL A 91 15.47 18.03 -1.30
N ILE A 92 15.78 18.37 -2.55
CA ILE A 92 15.31 19.61 -3.21
C ILE A 92 14.13 19.23 -4.09
N LEU A 93 13.02 19.99 -4.04
CA LEU A 93 11.79 19.72 -4.82
C LEU A 93 11.38 20.96 -5.59
N THR A 94 10.91 20.76 -6.82
CA THR A 94 10.08 21.74 -7.55
C THR A 94 9.11 22.37 -6.54
N ASP A 95 9.06 23.70 -6.50
CA ASP A 95 8.24 24.47 -5.53
C ASP A 95 6.74 24.23 -5.77
N ASP A 96 6.25 23.94 -6.97
CA ASP A 96 4.78 23.74 -7.16
C ASP A 96 4.50 22.29 -7.55
N VAL A 97 5.09 21.34 -6.80
CA VAL A 97 4.71 19.90 -6.89
C VAL A 97 3.26 19.77 -6.46
N TYR A 98 2.57 18.76 -6.99
CA TYR A 98 1.29 18.20 -6.50
C TYR A 98 1.16 18.35 -4.97
N GLY A 99 -0.01 18.73 -4.49
CA GLY A 99 -0.29 19.00 -3.06
C GLY A 99 -0.03 17.79 -2.19
N GLY A 100 -0.27 16.58 -2.71
CA GLY A 100 -0.02 15.32 -1.98
C GLY A 100 1.47 15.12 -1.68
N THR A 101 2.33 15.45 -2.64
CA THR A 101 3.80 15.39 -2.46
C THR A 101 4.19 16.48 -1.46
N TYR A 102 3.61 17.65 -1.60
CA TYR A 102 3.84 18.78 -0.65
C TYR A 102 3.51 18.32 0.77
N ARG A 103 2.40 17.60 0.92
CA ARG A 103 1.88 17.21 2.26
C ARG A 103 2.78 16.13 2.86
N VAL A 104 3.18 15.14 2.07
CA VAL A 104 3.94 13.98 2.63
C VAL A 104 5.35 14.42 3.02
N ILE A 105 5.94 15.31 2.23
CA ILE A 105 7.27 15.93 2.52
C ILE A 105 7.18 16.77 3.81
N THR A 106 6.16 17.61 3.94
CA THR A 106 6.08 18.63 5.02
C THR A 106 5.34 18.14 6.27
N LYS A 107 4.42 17.16 6.17
CA LYS A 107 3.59 16.76 7.34
C LYS A 107 3.85 15.30 7.79
N VAL A 108 4.48 14.47 6.96
CA VAL A 108 4.79 13.07 7.35
C VAL A 108 6.31 12.91 7.44
N LEU A 109 7.04 13.06 6.33
CA LEU A 109 8.47 12.61 6.25
C LEU A 109 9.39 13.58 7.02
N ASN A 110 8.93 14.80 7.29
CA ASN A 110 9.64 15.78 8.16
C ASN A 110 9.78 15.18 9.57
N ARG A 111 8.76 14.47 10.04
CA ARG A 111 8.73 13.85 11.40
C ARG A 111 9.75 12.71 11.49
N PHE A 112 10.24 12.23 10.35
CA PHE A 112 11.26 11.16 10.21
C PHE A 112 12.64 11.74 9.90
N GLY A 113 12.82 13.07 9.96
CA GLY A 113 14.14 13.72 9.86
C GLY A 113 14.61 13.80 8.41
N ILE A 114 13.71 13.64 7.46
CA ILE A 114 14.03 13.96 6.05
C ILE A 114 13.77 15.45 5.85
N GLU A 115 14.82 16.18 5.44
CA GLU A 115 14.80 17.65 5.31
C GLU A 115 14.51 17.99 3.86
N HIS A 116 13.89 19.13 3.60
CA HIS A 116 13.53 19.51 2.21
C HIS A 116 13.82 20.99 2.00
N THR A 117 13.98 21.39 0.74
CA THR A 117 13.86 22.79 0.26
C THR A 117 13.00 22.75 -1.00
N PHE A 118 11.99 23.63 -1.05
CA PHE A 118 11.15 23.87 -2.25
C PHE A 118 11.82 25.00 -3.03
N VAL A 119 12.05 24.81 -4.31
CA VAL A 119 12.87 25.74 -5.13
C VAL A 119 12.19 25.92 -6.48
N ASP A 120 12.36 27.08 -7.11
CA ASP A 120 11.93 27.27 -8.52
C ASP A 120 12.92 26.52 -9.43
N THR A 121 12.60 25.28 -9.83
CA THR A 121 13.49 24.42 -10.63
C THR A 121 13.58 24.92 -12.08
N THR A 122 12.80 25.95 -12.43
CA THR A 122 13.00 26.68 -13.71
C THR A 122 14.27 27.53 -13.59
N ASN A 123 14.77 27.78 -12.39
CA ASN A 123 15.96 28.66 -12.20
C ASN A 123 17.14 27.80 -11.73
N LEU A 124 18.00 27.35 -12.64
CA LEU A 124 19.04 26.35 -12.29
C LEU A 124 20.06 26.93 -11.31
N GLU A 125 20.20 28.25 -11.28
CA GLU A 125 21.12 28.90 -10.32
C GLU A 125 20.56 28.70 -8.90
N GLU A 126 19.25 28.89 -8.72
CA GLU A 126 18.58 28.75 -7.40
C GLU A 126 18.63 27.28 -6.96
N VAL A 127 18.50 26.35 -7.91
CA VAL A 127 18.60 24.88 -7.63
C VAL A 127 20.00 24.58 -7.09
N GLU A 128 21.05 25.01 -7.79
CA GLU A 128 22.46 24.82 -7.33
C GLU A 128 22.68 25.49 -5.96
N GLU A 129 22.07 26.65 -5.71
CA GLU A 129 22.31 27.38 -4.43
C GLU A 129 21.60 26.66 -3.29
N ALA A 130 20.65 25.80 -3.62
CA ALA A 130 19.85 25.11 -2.58
C ALA A 130 20.61 23.86 -2.10
N ILE A 131 21.65 23.43 -2.83
CA ILE A 131 22.37 22.16 -2.50
C ILE A 131 23.04 22.38 -1.14
N ARG A 132 22.76 21.51 -0.18
CA ARG A 132 23.46 21.41 1.13
C ARG A 132 24.45 20.23 1.10
N PRO A 133 25.37 20.14 2.08
CA PRO A 133 26.17 18.94 2.29
C PRO A 133 25.35 17.64 2.46
N ASN A 134 24.19 17.71 3.11
CA ASN A 134 23.36 16.50 3.40
C ASN A 134 22.35 16.26 2.25
N THR A 135 22.45 16.98 1.13
CA THR A 135 21.53 16.80 -0.03
C THR A 135 21.82 15.46 -0.72
N LYS A 136 20.79 14.70 -1.05
CA LYS A 136 20.97 13.38 -1.72
C LYS A 136 20.24 13.37 -3.06
N ALA A 137 19.24 14.22 -3.24
CA ALA A 137 18.37 14.10 -4.41
C ALA A 137 17.71 15.42 -4.72
N ILE A 138 17.50 15.61 -6.01
CA ILE A 138 16.67 16.67 -6.62
C ILE A 138 15.44 15.97 -7.18
N TYR A 139 14.26 16.44 -6.76
CA TYR A 139 12.93 15.90 -7.19
C TYR A 139 12.22 16.95 -8.04
N VAL A 140 11.86 16.57 -9.24
CA VAL A 140 11.32 17.52 -10.24
C VAL A 140 10.03 16.91 -10.79
N GLU A 141 9.01 17.74 -10.89
CA GLU A 141 7.71 17.50 -11.55
C GLU A 141 7.62 18.44 -12.74
N THR A 142 7.51 17.93 -13.95
CA THR A 142 7.38 18.77 -15.16
C THR A 142 6.53 18.06 -16.20
N PRO A 143 5.45 18.70 -16.73
CA PRO A 143 4.93 19.96 -16.20
C PRO A 143 4.32 19.80 -14.80
N THR A 144 4.18 20.91 -14.07
CA THR A 144 3.61 20.91 -12.70
C THR A 144 2.08 21.01 -12.74
N ASN A 145 1.50 20.53 -11.64
CA ASN A 145 0.06 20.51 -11.28
C ASN A 145 -0.14 21.63 -10.25
N PRO A 146 -0.90 22.70 -10.57
CA PRO A 146 -1.61 22.85 -11.84
C PRO A 146 -1.19 23.96 -12.82
N LEU A 147 -0.03 24.61 -12.62
CA LEU A 147 0.40 25.80 -13.40
C LEU A 147 1.22 25.39 -14.62
N LEU A 148 1.56 24.11 -14.78
CA LEU A 148 2.28 23.55 -15.97
C LEU A 148 3.65 24.23 -16.19
N LYS A 149 4.36 24.62 -15.12
CA LYS A 149 5.76 25.14 -15.23
C LYS A 149 6.64 24.00 -15.73
N ILE A 150 7.54 24.31 -16.68
CA ILE A 150 8.45 23.35 -17.37
C ILE A 150 9.86 23.49 -16.78
N THR A 151 10.45 22.38 -16.32
CA THR A 151 11.81 22.30 -15.76
C THR A 151 12.65 21.51 -16.75
N ASP A 152 13.91 21.89 -16.89
CA ASP A 152 14.88 21.30 -17.85
C ASP A 152 15.43 20.01 -17.23
N ILE A 153 14.97 18.86 -17.71
CA ILE A 153 15.32 17.58 -17.05
C ILE A 153 16.82 17.32 -17.29
N LYS A 154 17.31 17.57 -18.51
CA LYS A 154 18.74 17.34 -18.88
C LYS A 154 19.68 18.22 -18.04
N LYS A 155 19.33 19.49 -17.84
CA LYS A 155 20.19 20.42 -17.04
C LYS A 155 20.10 20.06 -15.55
N ILE A 156 18.92 19.67 -15.06
CA ILE A 156 18.78 19.28 -13.62
C ILE A 156 19.63 18.02 -13.38
N SER A 157 19.53 17.02 -14.27
CA SER A 157 20.26 15.73 -14.22
C SER A 157 21.77 15.93 -14.24
N THR A 158 22.26 16.83 -15.11
CA THR A 158 23.71 17.12 -15.27
C THR A 158 24.26 17.75 -13.99
N LEU A 159 23.54 18.74 -13.42
CA LEU A 159 23.87 19.37 -12.12
C LEU A 159 23.85 18.31 -11.02
N ALA A 160 22.81 17.47 -10.94
CA ALA A 160 22.68 16.40 -9.92
C ALA A 160 23.89 15.48 -10.00
N LYS A 161 24.23 15.00 -11.20
CA LYS A 161 25.31 14.01 -11.40
C LYS A 161 26.66 14.64 -11.00
N GLU A 162 26.89 15.91 -11.34
CA GLU A 162 28.13 16.64 -10.98
C GLU A 162 28.26 16.75 -9.47
N LYS A 163 27.15 16.78 -8.74
CA LYS A 163 27.16 17.01 -7.26
C LYS A 163 26.78 15.72 -6.51
N ASP A 164 26.76 14.55 -7.20
CA ASP A 164 26.62 13.20 -6.60
C ASP A 164 25.18 13.02 -6.06
N LEU A 165 24.19 13.53 -6.77
CA LEU A 165 22.78 13.54 -6.33
C LEU A 165 22.00 12.67 -7.30
N LEU A 166 20.97 11.99 -6.80
CA LEU A 166 19.97 11.31 -7.65
C LEU A 166 18.99 12.35 -8.20
N THR A 167 18.54 12.12 -9.43
CA THR A 167 17.45 12.86 -10.09
C THR A 167 16.20 11.99 -10.07
N ILE A 168 15.13 12.47 -9.43
CA ILE A 168 13.78 11.81 -9.38
C ILE A 168 12.80 12.68 -10.17
N ILE A 169 12.11 12.10 -11.14
CA ILE A 169 11.13 12.82 -12.02
C ILE A 169 9.76 12.17 -11.87
N ASP A 170 8.77 12.95 -11.44
CA ASP A 170 7.33 12.65 -11.56
C ASP A 170 6.91 12.98 -13.01
N ASN A 171 6.86 11.95 -13.86
CA ASN A 171 6.45 12.00 -15.28
C ASN A 171 4.94 11.72 -15.45
N THR A 172 4.12 11.97 -14.43
CA THR A 172 2.67 11.63 -14.47
C THR A 172 2.00 12.32 -15.65
N PHE A 173 2.13 13.64 -15.78
CA PHE A 173 1.37 14.49 -16.75
C PHE A 173 1.74 14.15 -18.20
N MET A 174 3.02 13.88 -18.49
CA MET A 174 3.53 13.60 -19.86
C MET A 174 3.32 12.14 -20.24
N THR A 175 3.35 11.22 -19.26
CA THR A 175 3.38 9.76 -19.48
C THR A 175 4.67 9.39 -20.22
N PRO A 176 5.06 8.11 -20.19
CA PRO A 176 6.19 7.62 -20.96
C PRO A 176 6.04 7.87 -22.46
N TYR A 177 4.81 8.08 -22.92
CA TYR A 177 4.54 8.22 -24.37
C TYR A 177 5.12 9.56 -24.89
N TRP A 178 5.05 10.65 -24.10
CA TRP A 178 5.45 12.01 -24.54
C TRP A 178 6.85 12.41 -24.04
N GLN A 179 7.36 11.87 -22.93
CA GLN A 179 8.62 12.36 -22.28
C GLN A 179 9.38 11.17 -21.73
N SER A 180 10.70 11.13 -21.86
CA SER A 180 11.54 10.00 -21.39
C SER A 180 12.62 10.44 -20.39
N PRO A 181 12.27 10.72 -19.10
CA PRO A 181 13.26 11.23 -18.15
C PRO A 181 14.58 10.46 -18.03
N ILE A 182 14.58 9.13 -18.15
CA ILE A 182 15.82 8.32 -17.96
C ILE A 182 16.78 8.63 -19.11
N SER A 183 16.25 8.71 -20.31
CA SER A 183 16.97 9.14 -21.53
C SER A 183 17.59 10.56 -21.34
N LEU A 184 17.03 11.42 -20.48
CA LEU A 184 17.54 12.79 -20.26
C LEU A 184 18.39 12.87 -18.99
N GLY A 185 18.72 11.75 -18.33
CA GLY A 185 19.66 11.67 -17.20
C GLY A 185 18.99 11.27 -15.88
N ALA A 186 17.67 11.10 -15.80
CA ALA A 186 16.97 10.80 -14.52
C ALA A 186 17.38 9.39 -14.06
N ASP A 187 17.59 9.23 -12.75
CA ASP A 187 17.86 7.92 -12.10
C ASP A 187 16.54 7.20 -11.77
N ILE A 188 15.51 7.99 -11.41
CA ILE A 188 14.19 7.47 -10.95
C ILE A 188 13.08 8.25 -11.65
N VAL A 189 12.18 7.53 -12.29
CA VAL A 189 10.96 8.16 -12.89
C VAL A 189 9.74 7.50 -12.23
N LEU A 190 8.74 8.31 -11.86
CA LEU A 190 7.57 7.79 -11.13
C LEU A 190 6.26 8.38 -11.65
N HIS A 191 5.19 7.67 -11.38
CA HIS A 191 3.85 7.92 -11.99
C HIS A 191 2.76 7.69 -10.95
N SER A 192 1.83 8.62 -10.89
CA SER A 192 0.47 8.34 -10.43
C SER A 192 -0.23 7.64 -11.59
N ALA A 193 -0.24 6.31 -11.58
CA ALA A 193 -0.83 5.49 -12.65
C ALA A 193 -2.33 5.66 -12.61
N THR A 194 -2.86 6.19 -11.49
CA THR A 194 -4.28 6.62 -11.29
C THR A 194 -4.75 7.55 -12.39
N LYS A 195 -3.84 8.28 -13.06
CA LYS A 195 -4.18 9.33 -14.06
C LYS A 195 -4.12 8.69 -15.45
N TYR A 196 -3.19 9.07 -16.33
CA TYR A 196 -3.24 8.67 -17.77
C TYR A 196 -2.98 7.17 -17.92
N LEU A 197 -2.12 6.57 -17.09
CA LEU A 197 -1.62 5.20 -17.39
C LEU A 197 -2.81 4.24 -17.34
N GLY A 198 -3.62 4.28 -16.28
CA GLY A 198 -4.89 3.55 -16.20
C GLY A 198 -5.90 4.13 -17.15
N GLY A 199 -6.09 5.45 -17.11
CA GLY A 199 -6.75 6.24 -18.16
C GLY A 199 -8.27 6.23 -18.07
N HIS A 200 -8.87 5.48 -17.15
CA HIS A 200 -10.35 5.27 -17.16
C HIS A 200 -10.91 5.55 -15.76
N SER A 201 -10.24 6.40 -14.99
CA SER A 201 -10.73 6.83 -13.65
C SER A 201 -11.14 5.64 -12.79
N ASP A 202 -10.55 4.44 -12.96
CA ASP A 202 -11.06 3.27 -12.23
C ASP A 202 -9.96 2.50 -11.49
N VAL A 203 -8.74 3.00 -11.43
CA VAL A 203 -7.66 2.38 -10.60
C VAL A 203 -6.90 3.48 -9.86
N VAL A 204 -6.56 3.23 -8.62
CA VAL A 204 -5.59 4.04 -7.86
C VAL A 204 -4.32 3.18 -7.79
N ALA A 205 -3.22 3.71 -8.30
CA ALA A 205 -1.94 3.01 -8.47
C ALA A 205 -0.82 4.02 -8.63
N GLY A 206 0.38 3.64 -8.16
CA GLY A 206 1.67 4.28 -8.44
C GLY A 206 2.67 3.29 -9.00
N LEU A 207 3.53 3.78 -9.89
CA LEU A 207 4.65 3.04 -10.53
C LEU A 207 5.95 3.82 -10.31
N VAL A 208 7.04 3.11 -10.05
CA VAL A 208 8.42 3.68 -10.03
C VAL A 208 9.29 2.84 -10.95
N VAL A 209 10.08 3.49 -11.81
CA VAL A 209 11.15 2.83 -12.59
C VAL A 209 12.50 3.40 -12.14
N VAL A 210 13.48 2.53 -11.93
CA VAL A 210 14.87 2.91 -11.54
C VAL A 210 15.81 2.50 -12.67
N ASN A 211 16.99 3.12 -12.70
CA ASN A 211 17.95 3.00 -13.84
C ASN A 211 19.14 2.13 -13.46
N SER A 212 19.11 1.44 -12.31
CA SER A 212 20.31 0.75 -11.78
C SER A 212 19.93 -0.46 -10.93
N PRO A 213 20.76 -1.53 -10.97
CA PRO A 213 20.57 -2.71 -10.12
C PRO A 213 20.56 -2.38 -8.61
N GLN A 214 21.40 -1.45 -8.18
CA GLN A 214 21.50 -1.03 -6.76
C GLN A 214 20.18 -0.40 -6.33
N LEU A 215 19.62 0.51 -7.11
CA LEU A 215 18.32 1.18 -6.78
C LEU A 215 17.17 0.17 -6.81
N ALA A 216 17.23 -0.83 -7.68
CA ALA A 216 16.18 -1.86 -7.79
C ALA A 216 16.20 -2.73 -6.53
N GLU A 217 17.39 -3.10 -6.04
CA GLU A 217 17.50 -3.86 -4.77
C GLU A 217 16.97 -3.00 -3.62
N ASP A 218 17.35 -1.74 -3.56
CA ASP A 218 16.99 -0.82 -2.45
C ASP A 218 15.50 -0.50 -2.47
N LEU A 219 14.90 -0.26 -3.65
CA LEU A 219 13.44 0.04 -3.69
C LEU A 219 12.68 -1.25 -3.42
N HIS A 220 13.11 -2.39 -3.98
CA HIS A 220 12.46 -3.70 -3.72
C HIS A 220 12.41 -3.97 -2.21
N PHE A 221 13.52 -3.73 -1.51
CA PHE A 221 13.58 -3.95 -0.05
C PHE A 221 12.50 -3.09 0.62
N VAL A 222 12.34 -1.83 0.21
CA VAL A 222 11.36 -0.87 0.83
C VAL A 222 9.92 -1.36 0.54
N GLN A 223 9.62 -1.77 -0.70
CA GLN A 223 8.29 -2.22 -1.17
C GLN A 223 7.92 -3.51 -0.43
N ASN A 224 8.87 -4.43 -0.30
CA ASN A 224 8.66 -5.73 0.37
C ASN A 224 8.53 -5.54 1.88
N SER A 225 9.25 -4.58 2.47
CA SER A 225 9.31 -4.37 3.94
C SER A 225 8.11 -3.56 4.42
N THR A 226 7.77 -2.48 3.73
CA THR A 226 6.67 -1.54 4.09
C THR A 226 5.38 -1.95 3.35
N GLY A 227 5.48 -2.73 2.27
CA GLY A 227 4.33 -3.48 1.72
C GLY A 227 3.18 -2.67 1.11
N GLY A 228 3.40 -1.45 0.59
CA GLY A 228 2.36 -0.63 -0.07
C GLY A 228 2.10 -1.06 -1.52
N ILE A 229 1.86 -2.35 -1.74
CA ILE A 229 1.86 -3.00 -3.09
C ILE A 229 0.53 -2.72 -3.79
N LEU A 230 0.51 -2.88 -5.10
CA LEU A 230 -0.70 -2.87 -5.94
C LEU A 230 -1.18 -4.32 -6.03
N GLY A 231 -2.49 -4.55 -5.86
CA GLY A 231 -3.03 -5.90 -5.88
C GLY A 231 -3.09 -6.34 -7.33
N PRO A 232 -3.33 -7.63 -7.60
CA PRO A 232 -3.31 -8.15 -8.97
C PRO A 232 -4.51 -7.77 -9.87
N GLN A 233 -5.70 -7.61 -9.32
CA GLN A 233 -6.85 -7.09 -10.11
C GLN A 233 -6.53 -5.67 -10.62
N ASP A 234 -6.03 -4.78 -9.74
CA ASP A 234 -5.66 -3.39 -10.13
C ASP A 234 -4.49 -3.45 -11.13
N SER A 235 -3.53 -4.35 -10.90
CA SER A 235 -2.38 -4.51 -11.82
C SER A 235 -2.92 -4.87 -13.20
N PHE A 236 -3.88 -5.79 -13.30
CA PHE A 236 -4.47 -6.24 -14.59
C PHE A 236 -5.18 -5.07 -15.27
N LEU A 237 -5.93 -4.25 -14.51
CA LEU A 237 -6.70 -3.15 -15.13
C LEU A 237 -5.70 -2.12 -15.64
N LEU A 238 -4.58 -1.93 -14.93
CA LEU A 238 -3.52 -0.97 -15.31
C LEU A 238 -2.82 -1.48 -16.59
N LEU A 239 -2.47 -2.75 -16.66
CA LEU A 239 -1.91 -3.33 -17.90
C LEU A 239 -2.88 -3.07 -19.03
N ARG A 240 -4.16 -3.35 -18.81
CA ARG A 240 -5.22 -3.11 -19.84
C ARG A 240 -5.20 -1.63 -20.27
N GLY A 241 -5.20 -0.69 -19.32
CA GLY A 241 -5.10 0.76 -19.62
C GLY A 241 -3.94 1.12 -20.52
N LEU A 242 -2.74 0.62 -20.19
CA LEU A 242 -1.48 0.92 -20.92
C LEU A 242 -1.66 0.61 -22.41
N LYS A 243 -2.43 -0.43 -22.73
CA LYS A 243 -2.65 -0.88 -24.14
C LYS A 243 -3.10 0.31 -25.00
N THR A 244 -3.96 1.22 -24.49
CA THR A 244 -4.51 2.33 -25.31
C THR A 244 -3.85 3.69 -24.99
N LEU A 245 -2.71 3.69 -24.30
CA LEU A 245 -2.07 4.96 -23.83
C LEU A 245 -1.73 5.83 -25.05
N GLY A 246 -1.13 5.24 -26.08
CA GLY A 246 -0.70 5.99 -27.27
C GLY A 246 -1.88 6.66 -27.94
N ILE A 247 -2.89 5.90 -28.30
CA ILE A 247 -4.03 6.45 -29.09
C ILE A 247 -4.79 7.43 -28.18
N ARG A 248 -4.84 7.17 -26.87
CA ARG A 248 -5.49 8.13 -25.92
C ARG A 248 -4.71 9.44 -25.93
N MET A 249 -3.41 9.42 -25.65
CA MET A 249 -2.60 10.67 -25.54
C MET A 249 -2.65 11.44 -26.88
N GLU A 250 -2.67 10.75 -28.03
CA GLU A 250 -2.73 11.43 -29.35
C GLU A 250 -4.05 12.22 -29.43
N GLU A 251 -5.16 11.65 -28.97
CA GLU A 251 -6.50 12.31 -29.08
C GLU A 251 -6.59 13.43 -28.05
N HIS A 252 -6.07 13.17 -26.86
CA HIS A 252 -5.92 14.17 -25.78
C HIS A 252 -5.18 15.40 -26.34
N GLU A 253 -4.07 15.16 -27.03
CA GLU A 253 -3.15 16.18 -27.61
C GLU A 253 -3.94 17.08 -28.58
N THR A 254 -4.49 16.48 -29.63
CA THR A 254 -5.32 17.16 -30.65
C THR A 254 -6.41 17.99 -29.97
N ASN A 255 -7.11 17.46 -28.98
CA ASN A 255 -8.25 18.19 -28.38
C ASN A 255 -7.70 19.38 -27.60
N SER A 256 -6.60 19.18 -26.85
CA SER A 256 -6.09 20.13 -25.83
C SER A 256 -5.47 21.36 -26.50
N ARG A 257 -4.69 21.16 -27.58
CA ARG A 257 -4.09 22.28 -28.35
C ARG A 257 -5.18 23.22 -28.87
N ALA A 258 -6.22 22.67 -29.50
CA ALA A 258 -7.36 23.46 -30.01
C ALA A 258 -8.02 24.20 -28.83
N ILE A 259 -8.20 23.54 -27.68
CA ILE A 259 -8.86 24.18 -26.49
C ILE A 259 -7.97 25.29 -25.91
N ALA A 260 -6.65 25.08 -25.83
CA ALA A 260 -5.73 26.09 -25.24
C ALA A 260 -5.77 27.33 -26.14
N GLU A 261 -5.73 27.10 -27.46
CA GLU A 261 -5.79 28.15 -28.51
C GLU A 261 -7.09 28.96 -28.33
N PHE A 262 -8.25 28.31 -28.24
CA PHE A 262 -9.56 29.02 -28.11
C PHE A 262 -9.61 29.74 -26.75
N LEU A 263 -9.17 29.11 -25.66
CA LEU A 263 -9.28 29.73 -24.31
C LEU A 263 -8.38 30.96 -24.24
N ASN A 264 -7.26 30.95 -24.96
CA ASN A 264 -6.21 31.99 -24.88
C ASN A 264 -6.63 33.25 -25.64
N ASN A 265 -7.67 33.15 -26.45
CA ASN A 265 -8.20 34.22 -27.33
C ASN A 265 -9.64 34.55 -26.92
N HIS A 266 -9.97 34.47 -25.63
CA HIS A 266 -11.37 34.63 -25.15
C HIS A 266 -11.46 35.85 -24.25
N PRO A 267 -12.47 36.73 -24.49
CA PRO A 267 -12.70 37.91 -23.65
C PRO A 267 -12.76 37.70 -22.13
N LYS A 268 -13.35 36.60 -21.65
CA LYS A 268 -13.60 36.37 -20.19
C LYS A 268 -12.40 35.68 -19.52
N VAL A 269 -11.39 35.28 -20.31
CA VAL A 269 -10.20 34.53 -19.84
C VAL A 269 -8.99 35.43 -20.03
N ASN A 270 -8.29 35.81 -18.96
CA ASN A 270 -7.21 36.82 -19.08
C ASN A 270 -5.84 36.14 -18.97
N LYS A 271 -5.75 34.92 -18.44
CA LYS A 271 -4.49 34.12 -18.58
C LYS A 271 -4.79 32.62 -18.77
N VAL A 272 -3.96 31.96 -19.57
CA VAL A 272 -4.06 30.49 -19.88
C VAL A 272 -2.69 29.84 -19.70
N TYR A 273 -2.58 28.80 -18.88
CA TYR A 273 -1.35 27.96 -18.73
C TYR A 273 -1.48 26.69 -19.57
N TYR A 274 -0.55 26.51 -20.50
CA TYR A 274 -0.51 25.30 -21.34
C TYR A 274 0.79 25.27 -22.11
N PRO A 275 1.62 24.20 -21.98
CA PRO A 275 2.96 24.20 -22.58
C PRO A 275 2.99 24.53 -24.08
N GLY A 276 1.89 24.34 -24.80
CA GLY A 276 1.87 24.40 -26.27
C GLY A 276 1.65 25.82 -26.80
N LEU A 277 1.33 26.78 -25.93
CA LEU A 277 1.24 28.20 -26.30
C LEU A 277 2.66 28.78 -26.32
N GLU A 278 3.05 29.47 -27.39
CA GLU A 278 4.33 30.23 -27.52
C GLU A 278 4.54 31.19 -26.34
N SER A 279 3.47 31.78 -25.81
CA SER A 279 3.51 32.71 -24.64
C SER A 279 3.92 32.02 -23.34
N HIS A 280 3.78 30.68 -23.25
CA HIS A 280 4.03 29.92 -21.99
C HIS A 280 5.53 29.94 -21.64
N GLN A 281 5.89 30.26 -20.40
CA GLN A 281 7.32 30.22 -19.98
C GLN A 281 7.91 28.89 -20.43
N ASN A 282 8.97 28.92 -21.23
CA ASN A 282 9.77 27.73 -21.61
C ASN A 282 9.00 26.85 -22.60
N HIS A 283 8.05 27.43 -23.34
CA HIS A 283 7.44 26.71 -24.49
C HIS A 283 8.52 26.01 -25.32
N GLU A 284 9.66 26.66 -25.56
CA GLU A 284 10.72 26.17 -26.47
C GLU A 284 11.28 24.84 -25.94
N LEU A 285 11.64 24.82 -24.65
CA LEU A 285 12.09 23.64 -23.84
C LEU A 285 11.02 22.52 -23.87
N ALA A 286 9.74 22.90 -23.72
CA ALA A 286 8.59 21.98 -23.78
C ALA A 286 8.60 21.22 -25.11
N THR A 287 8.88 21.90 -26.24
CA THR A 287 8.90 21.27 -27.59
C THR A 287 10.15 20.39 -27.72
N GLU A 288 11.16 20.59 -26.87
CA GLU A 288 12.48 19.94 -27.04
C GLU A 288 12.54 18.65 -26.20
N GLN A 289 12.19 18.72 -24.90
CA GLN A 289 12.34 17.57 -23.97
C GLN A 289 11.12 16.64 -24.01
N ALA A 290 10.00 17.03 -24.64
CA ALA A 290 8.79 16.17 -24.78
C ALA A 290 8.20 16.27 -26.19
N ASN A 291 7.57 15.19 -26.65
CA ASN A 291 6.92 15.10 -27.98
C ASN A 291 5.46 15.59 -27.94
N GLY A 292 4.94 16.01 -26.80
CA GLY A 292 3.58 16.58 -26.75
C GLY A 292 3.47 17.58 -25.62
N PHE A 293 2.43 18.41 -25.65
CA PHE A 293 2.21 19.48 -24.63
C PHE A 293 1.28 19.00 -23.51
N GLY A 294 0.61 17.86 -23.74
CA GLY A 294 -0.22 17.19 -22.71
C GLY A 294 -1.65 17.66 -22.80
N ALA A 295 -2.47 17.34 -21.80
CA ALA A 295 -3.93 17.55 -21.89
C ALA A 295 -4.44 18.19 -20.63
N ILE A 296 -3.57 18.83 -19.85
CA ILE A 296 -4.00 19.64 -18.68
C ILE A 296 -3.88 21.12 -19.06
N ILE A 297 -4.97 21.87 -18.92
CA ILE A 297 -5.03 23.34 -19.13
C ILE A 297 -5.55 24.01 -17.84
N SER A 298 -4.84 25.02 -17.37
CA SER A 298 -5.28 25.90 -16.26
C SER A 298 -5.50 27.30 -16.83
N PHE A 299 -6.63 27.93 -16.51
CA PHE A 299 -6.99 29.25 -17.08
C PHE A 299 -7.63 30.10 -15.97
N ASP A 300 -7.28 31.39 -15.95
CA ASP A 300 -7.80 32.38 -14.98
C ASP A 300 -8.92 33.20 -15.64
N VAL A 301 -10.17 32.97 -15.23
CA VAL A 301 -11.35 33.76 -15.74
C VAL A 301 -11.39 35.12 -15.02
N ASP A 302 -12.18 36.06 -15.56
CA ASP A 302 -12.19 37.48 -15.12
C ASP A 302 -12.80 37.65 -13.70
N SER A 303 -13.72 36.79 -13.25
CA SER A 303 -14.42 36.97 -11.94
C SER A 303 -15.01 35.67 -11.39
N GLU A 304 -15.21 35.64 -10.07
CA GLU A 304 -15.95 34.59 -9.31
C GLU A 304 -17.24 34.25 -10.06
N GLU A 305 -17.97 35.26 -10.56
CA GLU A 305 -19.29 35.04 -11.20
C GLU A 305 -19.10 34.29 -12.52
N THR A 306 -17.98 34.48 -13.22
CA THR A 306 -17.67 33.71 -14.47
C THR A 306 -17.43 32.24 -14.09
N LEU A 307 -16.58 32.00 -13.10
CA LEU A 307 -16.20 30.65 -12.60
C LEU A 307 -17.47 29.87 -12.28
N ASN A 308 -18.21 30.28 -11.24
CA ASN A 308 -19.51 29.71 -10.79
C ASN A 308 -20.43 29.34 -11.96
N LYS A 309 -20.55 30.23 -12.94
CA LYS A 309 -21.49 30.06 -14.07
C LYS A 309 -20.91 29.05 -15.06
N VAL A 310 -19.58 28.93 -15.14
CA VAL A 310 -18.87 27.91 -15.97
C VAL A 310 -19.19 26.52 -15.37
N LEU A 311 -19.01 26.38 -14.06
CA LEU A 311 -19.28 25.13 -13.30
C LEU A 311 -20.71 24.66 -13.55
N GLU A 312 -21.71 25.53 -13.42
CA GLU A 312 -23.12 25.10 -13.45
C GLU A 312 -23.59 24.86 -14.89
N LYS A 313 -22.86 25.32 -15.92
CA LYS A 313 -23.34 25.25 -17.33
C LYS A 313 -22.57 24.22 -18.17
N LEU A 314 -21.40 23.77 -17.72
CA LEU A 314 -20.57 22.85 -18.54
C LEU A 314 -21.28 21.50 -18.66
N GLN A 315 -21.37 20.94 -19.86
CA GLN A 315 -22.12 19.68 -20.09
C GLN A 315 -21.21 18.44 -20.08
N TYR A 316 -19.94 18.53 -20.52
CA TYR A 316 -19.05 17.36 -20.77
C TYR A 316 -17.84 17.30 -19.83
N PHE A 317 -17.61 18.33 -19.02
CA PHE A 317 -16.56 18.36 -17.98
C PHE A 317 -17.27 18.02 -16.67
N THR A 318 -16.81 17.00 -15.93
CA THR A 318 -17.40 16.57 -14.64
C THR A 318 -16.57 17.23 -13.53
N LEU A 319 -17.23 17.92 -12.61
CA LEU A 319 -16.60 18.55 -11.42
C LEU A 319 -16.14 17.44 -10.48
N ALA A 320 -14.84 17.19 -10.44
CA ALA A 320 -14.28 16.05 -9.68
C ALA A 320 -12.79 16.26 -9.44
N GLU A 321 -12.27 15.52 -8.48
CA GLU A 321 -10.81 15.43 -8.29
C GLU A 321 -10.26 14.52 -9.39
N SER A 322 -8.94 14.58 -9.57
CA SER A 322 -8.12 13.69 -10.42
C SER A 322 -8.13 14.17 -11.87
N LEU A 323 -7.44 13.44 -12.75
CA LEU A 323 -7.25 13.84 -14.16
C LEU A 323 -6.70 12.63 -14.91
N GLY A 324 -6.48 12.77 -16.20
CA GLY A 324 -5.88 11.73 -17.05
C GLY A 324 -6.90 10.75 -17.58
N ALA A 325 -8.19 11.02 -17.42
CA ALA A 325 -9.25 10.05 -17.79
C ALA A 325 -9.78 10.37 -19.19
N VAL A 326 -10.36 9.35 -19.81
CA VAL A 326 -11.03 9.46 -21.14
C VAL A 326 -12.16 10.49 -21.03
N GLU A 327 -12.74 10.72 -19.85
CA GLU A 327 -13.81 11.77 -19.68
C GLU A 327 -13.26 13.10 -19.10
N SER A 328 -13.76 14.23 -19.58
CA SER A 328 -13.21 15.56 -19.21
C SER A 328 -13.58 15.85 -17.75
N LEU A 329 -12.61 16.35 -17.00
CA LEU A 329 -12.78 16.72 -15.58
C LEU A 329 -12.45 18.20 -15.45
N ILE A 330 -13.03 18.83 -14.44
CA ILE A 330 -12.82 20.25 -14.08
C ILE A 330 -12.64 20.27 -12.57
N SER A 331 -11.67 21.06 -12.09
CA SER A 331 -11.49 21.36 -10.65
C SER A 331 -11.14 22.85 -10.46
N ILE A 332 -11.39 23.39 -9.28
CA ILE A 332 -11.01 24.77 -8.84
C ILE A 332 -9.92 24.63 -7.80
N PRO A 333 -8.63 24.67 -8.19
CA PRO A 333 -7.52 24.44 -7.27
C PRO A 333 -7.60 25.23 -5.96
N SER A 334 -8.20 26.44 -6.00
CA SER A 334 -8.34 27.38 -4.87
C SER A 334 -9.31 26.82 -3.82
N GLN A 335 -10.28 25.99 -4.23
CA GLN A 335 -11.32 25.43 -3.34
C GLN A 335 -11.24 23.90 -3.24
N MET A 336 -10.32 23.24 -3.96
CA MET A 336 -10.27 21.76 -4.06
C MET A 336 -8.84 21.21 -3.85
N THR A 337 -7.78 22.03 -3.84
CA THR A 337 -6.36 21.58 -3.66
C THR A 337 -5.74 22.23 -2.41
N HIS A 338 -6.05 21.68 -1.23
CA HIS A 338 -5.44 22.02 0.08
C HIS A 338 -4.23 21.11 0.37
N ALA A 339 -3.21 21.65 1.05
CA ALA A 339 -2.01 20.94 1.58
C ALA A 339 -1.04 21.99 2.12
N ARG A 345 1.22 30.71 0.41
CA ARG A 345 2.12 29.99 -0.54
C ARG A 345 1.34 29.65 -1.82
N ARG A 346 0.10 29.15 -1.69
CA ARG A 346 -0.95 29.14 -2.75
C ARG A 346 -0.93 30.51 -3.48
N LYS A 347 -0.93 31.60 -2.71
CA LYS A 347 -0.87 33.00 -3.21
C LYS A 347 0.46 33.23 -3.93
N GLU A 348 1.57 32.88 -3.27
CA GLU A 348 2.97 32.96 -3.77
C GLU A 348 3.09 32.21 -5.11
N LEU A 349 2.54 30.99 -5.20
CA LEU A 349 2.61 30.12 -6.41
C LEU A 349 1.82 30.74 -7.57
N GLY A 350 0.83 31.59 -7.27
CA GLY A 350 0.01 32.28 -8.29
C GLY A 350 -1.25 31.50 -8.61
N ILE A 351 -1.81 30.82 -7.61
CA ILE A 351 -3.06 30.04 -7.74
C ILE A 351 -4.20 30.95 -7.29
N THR A 352 -4.60 31.85 -8.18
CA THR A 352 -5.80 32.71 -8.14
C THR A 352 -7.06 31.97 -7.67
N ASP A 353 -7.99 32.73 -7.08
CA ASP A 353 -9.35 32.24 -6.70
C ASP A 353 -10.24 32.19 -7.95
N THR A 354 -9.78 32.64 -9.11
CA THR A 354 -10.58 32.54 -10.37
C THR A 354 -9.91 31.55 -11.33
N LEU A 355 -8.93 30.79 -10.86
CA LEU A 355 -8.19 29.79 -11.67
C LEU A 355 -8.99 28.48 -11.74
N ILE A 356 -9.22 28.00 -12.95
CA ILE A 356 -9.88 26.71 -13.29
C ILE A 356 -8.83 25.79 -13.93
N ARG A 357 -8.75 24.53 -13.48
CA ARG A 357 -8.00 23.44 -14.17
C ARG A 357 -8.99 22.49 -14.85
N ILE A 358 -8.77 22.23 -16.13
CA ILE A 358 -9.50 21.20 -16.93
C ILE A 358 -8.51 20.12 -17.30
N SER A 359 -8.98 18.88 -17.16
CA SER A 359 -8.38 17.65 -17.72
C SER A 359 -9.15 17.33 -18.99
N VAL A 360 -8.53 17.47 -20.16
CA VAL A 360 -9.20 17.31 -21.48
C VAL A 360 -9.29 15.83 -21.81
N GLY A 361 -10.51 15.34 -22.12
CA GLY A 361 -10.80 13.92 -22.40
C GLY A 361 -10.67 13.60 -23.88
N ILE A 362 -11.20 12.44 -24.28
CA ILE A 362 -11.20 12.00 -25.70
C ILE A 362 -12.61 12.17 -26.25
N GLU A 363 -13.43 13.05 -25.65
CA GLU A 363 -14.71 13.43 -26.31
C GLU A 363 -14.35 14.08 -27.66
N ASP A 364 -15.31 14.31 -28.55
CA ASP A 364 -14.99 15.05 -29.81
C ASP A 364 -14.49 16.46 -29.43
N GLY A 365 -13.30 16.86 -29.89
CA GLY A 365 -12.69 18.19 -29.65
C GLY A 365 -13.67 19.33 -29.92
N GLU A 366 -14.50 19.21 -30.95
CA GLU A 366 -15.50 20.24 -31.36
C GLU A 366 -16.58 20.36 -30.27
N ASP A 367 -17.06 19.25 -29.71
CA ASP A 367 -18.09 19.28 -28.64
C ASP A 367 -17.51 19.99 -27.42
N LEU A 368 -16.24 19.79 -27.14
CA LEU A 368 -15.58 20.35 -25.93
C LEU A 368 -15.40 21.86 -26.07
N ILE A 369 -15.03 22.34 -27.26
CA ILE A 369 -14.91 23.80 -27.54
C ILE A 369 -16.29 24.46 -27.39
N GLU A 370 -17.28 24.00 -28.15
CA GLU A 370 -18.69 24.49 -28.09
C GLU A 370 -19.19 24.52 -26.64
N ASP A 371 -18.83 23.51 -25.83
CA ASP A 371 -19.29 23.38 -24.44
C ASP A 371 -18.64 24.48 -23.59
N LEU A 372 -17.34 24.74 -23.81
CA LEU A 372 -16.59 25.83 -23.14
C LEU A 372 -17.11 27.21 -23.59
N ALA A 373 -17.44 27.38 -24.87
CA ALA A 373 -17.97 28.63 -25.46
C ALA A 373 -19.30 28.95 -24.77
N GLN A 374 -20.29 28.06 -24.92
CA GLN A 374 -21.65 28.24 -24.33
C GLN A 374 -21.51 28.53 -22.83
N ALA A 375 -20.51 27.94 -22.17
CA ALA A 375 -20.32 28.07 -20.71
C ALA A 375 -19.80 29.48 -20.35
N LEU A 376 -19.06 30.12 -21.27
CA LEU A 376 -18.49 31.50 -21.08
C LEU A 376 -19.27 32.55 -21.89
N ALA A 377 -20.35 32.18 -22.58
CA ALA A 377 -21.20 33.08 -23.40
C ALA A 377 -22.21 33.79 -22.49
N MET B 1 -26.31 -9.10 19.68
CA MET B 1 -25.85 -10.09 18.67
C MET B 1 -24.86 -11.06 19.29
N ARG B 2 -25.00 -12.36 19.07
CA ARG B 2 -23.89 -13.29 19.38
C ARG B 2 -22.79 -13.10 18.34
N ALA B 3 -21.63 -13.71 18.57
CA ALA B 3 -20.40 -13.58 17.75
C ALA B 3 -20.70 -13.99 16.30
N LYS B 4 -21.36 -15.13 16.10
CA LYS B 4 -21.58 -15.65 14.74
C LYS B 4 -22.52 -14.74 13.95
N THR B 5 -23.51 -14.13 14.60
CA THR B 5 -24.47 -13.18 13.97
C THR B 5 -23.74 -11.88 13.58
N LYS B 6 -22.74 -11.48 14.36
CA LYS B 6 -22.03 -10.19 14.18
C LYS B 6 -21.24 -10.21 12.86
N LEU B 7 -20.65 -11.37 12.55
CA LEU B 7 -19.89 -11.58 11.30
C LEU B 7 -20.82 -11.43 10.10
N ILE B 8 -22.13 -11.39 10.29
CA ILE B 8 -23.08 -11.36 9.13
C ILE B 8 -23.85 -10.03 9.12
N HIS B 9 -24.20 -9.45 10.28
CA HIS B 9 -25.06 -8.24 10.40
C HIS B 9 -24.29 -7.09 11.07
N GLY B 10 -22.97 -7.22 11.21
CA GLY B 10 -22.09 -6.17 11.77
C GLY B 10 -22.33 -4.83 11.12
N ILE B 11 -22.54 -4.82 9.81
CA ILE B 11 -22.99 -3.62 9.02
C ILE B 11 -24.32 -3.96 8.36
N ARG B 12 -25.11 -2.93 8.10
CA ARG B 12 -26.46 -2.97 7.44
C ARG B 12 -26.38 -3.86 6.19
N ILE B 13 -27.26 -4.86 6.09
CA ILE B 13 -27.44 -5.60 4.82
C ILE B 13 -28.47 -4.85 3.99
N GLY B 14 -28.09 -4.45 2.77
CA GLY B 14 -28.91 -3.66 1.85
C GLY B 14 -28.32 -2.28 1.64
N GLU B 15 -27.48 -2.10 0.61
CA GLU B 15 -26.84 -0.80 0.31
C GLU B 15 -27.93 0.16 -0.15
N PRO B 16 -27.80 1.48 0.10
CA PRO B 16 -28.92 2.41 -0.07
C PRO B 16 -29.39 2.59 -1.53
N SER B 17 -28.50 2.43 -2.52
CA SER B 17 -28.80 2.68 -3.96
C SER B 17 -29.81 1.70 -4.53
N THR B 18 -29.57 0.39 -4.38
CA THR B 18 -30.34 -0.68 -5.07
C THR B 18 -30.88 -1.72 -4.08
N GLY B 19 -30.42 -1.71 -2.83
CA GLY B 19 -30.76 -2.74 -1.83
C GLY B 19 -29.85 -3.95 -1.92
N SER B 20 -28.80 -3.92 -2.76
CA SER B 20 -27.92 -5.10 -2.89
C SER B 20 -27.57 -5.61 -1.50
N VAL B 21 -27.69 -6.91 -1.25
CA VAL B 21 -27.33 -7.52 0.05
C VAL B 21 -25.79 -7.56 0.15
N ASN B 22 -25.08 -7.25 -0.93
CA ASN B 22 -23.59 -7.20 -0.91
C ASN B 22 -23.12 -5.77 -1.14
N VAL B 23 -21.97 -5.44 -0.55
CA VAL B 23 -21.22 -4.20 -0.87
C VAL B 23 -20.80 -4.25 -2.33
N PRO B 24 -21.21 -3.24 -3.15
CA PRO B 24 -20.76 -3.18 -4.54
C PRO B 24 -19.25 -2.90 -4.60
N ILE B 25 -18.59 -3.36 -5.66
CA ILE B 25 -17.14 -3.10 -5.89
C ILE B 25 -17.00 -1.79 -6.68
N TYR B 26 -16.54 -0.76 -5.97
CA TYR B 26 -16.32 0.62 -6.48
C TYR B 26 -14.92 0.67 -7.10
N GLN B 27 -14.81 0.16 -8.32
CA GLN B 27 -13.59 0.18 -9.16
C GLN B 27 -13.58 1.57 -9.78
N THR B 28 -13.07 2.53 -9.02
CA THR B 28 -13.22 3.94 -9.35
C THR B 28 -12.18 4.71 -8.55
N SER B 29 -11.74 5.81 -9.13
CA SER B 29 -10.72 6.74 -8.57
C SER B 29 -11.39 7.98 -7.99
N THR B 30 -12.55 8.39 -8.54
CA THR B 30 -13.13 9.72 -8.26
C THR B 30 -14.66 9.73 -8.42
N TYR B 31 -15.24 10.82 -7.92
CA TYR B 31 -16.68 11.08 -7.68
C TYR B 31 -17.03 12.47 -8.19
N LYS B 32 -18.12 12.58 -8.99
CA LYS B 32 -18.77 13.84 -9.39
C LYS B 32 -19.22 14.59 -8.13
N GLN B 33 -18.88 15.87 -7.99
CA GLN B 33 -19.41 16.74 -6.89
C GLN B 33 -20.54 17.59 -7.45
N GLU B 34 -21.63 17.73 -6.70
CA GLU B 34 -22.81 18.55 -7.09
C GLU B 34 -22.30 19.98 -7.24
N ALA B 35 -21.73 20.53 -6.16
CA ALA B 35 -21.05 21.84 -6.11
C ALA B 35 -19.69 21.65 -5.47
N VAL B 36 -18.77 22.58 -5.70
CA VAL B 36 -17.40 22.56 -5.12
C VAL B 36 -17.51 22.33 -3.61
N GLY B 37 -17.46 21.07 -3.14
CA GLY B 37 -17.46 20.69 -1.70
C GLY B 37 -18.72 19.94 -1.26
N LYS B 38 -19.66 19.63 -2.17
CA LYS B 38 -20.91 18.88 -1.88
C LYS B 38 -20.94 17.59 -2.73
N HIS B 39 -20.89 16.39 -2.11
CA HIS B 39 -20.36 15.16 -2.77
C HIS B 39 -20.92 13.79 -2.29
N GLN B 40 -21.80 13.72 -1.29
CA GLN B 40 -22.40 12.44 -0.79
C GLN B 40 -21.34 11.53 -0.13
N GLY B 41 -20.21 12.08 0.36
CA GLY B 41 -19.27 11.44 1.31
C GLY B 41 -17.98 10.94 0.66
N TYR B 42 -17.88 10.91 -0.66
CA TYR B 42 -16.69 10.37 -1.38
C TYR B 42 -16.23 11.41 -2.40
N GLU B 43 -14.90 11.64 -2.45
CA GLU B 43 -14.28 12.65 -3.34
C GLU B 43 -13.11 12.05 -4.13
N TYR B 44 -12.33 11.14 -3.54
CA TYR B 44 -11.14 10.53 -4.18
C TYR B 44 -10.83 9.21 -3.47
N SER B 45 -10.64 8.14 -4.24
CA SER B 45 -10.61 6.76 -3.68
C SER B 45 -9.47 6.60 -2.66
N ARG B 46 -8.30 7.21 -2.86
CA ARG B 46 -7.21 7.07 -1.85
C ARG B 46 -7.72 7.54 -0.47
N THR B 47 -8.52 8.63 -0.41
CA THR B 47 -8.98 9.24 0.88
C THR B 47 -10.11 8.39 1.48
N GLY B 48 -10.98 7.89 0.61
CA GLY B 48 -12.11 7.06 0.98
C GLY B 48 -12.68 6.41 -0.26
N ASN B 49 -12.88 5.10 -0.23
CA ASN B 49 -13.59 4.32 -1.27
C ASN B 49 -14.71 3.54 -0.57
N PRO B 50 -15.96 3.50 -1.08
CA PRO B 50 -17.08 2.94 -0.33
C PRO B 50 -16.93 1.44 -0.06
N THR B 51 -16.41 0.66 -1.01
CA THR B 51 -16.10 -0.77 -0.73
C THR B 51 -15.10 -0.86 0.44
N ARG B 52 -13.98 -0.14 0.37
CA ARG B 52 -12.97 -0.14 1.47
C ARG B 52 -13.61 0.37 2.76
N ALA B 53 -14.54 1.34 2.66
CA ALA B 53 -15.20 1.95 3.84
C ALA B 53 -16.02 0.89 4.59
N ALA B 54 -16.72 0.00 3.86
CA ALA B 54 -17.53 -1.10 4.43
C ALA B 54 -16.61 -2.05 5.17
N LEU B 55 -15.50 -2.46 4.57
CA LEU B 55 -14.50 -3.35 5.23
C LEU B 55 -13.90 -2.67 6.48
N GLU B 56 -13.57 -1.39 6.40
CA GLU B 56 -12.93 -0.64 7.54
C GLU B 56 -13.93 -0.57 8.71
N GLU B 57 -15.19 -0.27 8.42
CA GLU B 57 -16.30 -0.31 9.40
C GLU B 57 -16.46 -1.73 9.97
N MET B 58 -16.55 -2.76 9.12
CA MET B 58 -16.75 -4.15 9.56
C MET B 58 -15.68 -4.54 10.58
N ILE B 59 -14.40 -4.32 10.28
CA ILE B 59 -13.32 -4.79 11.20
C ILE B 59 -13.36 -3.93 12.46
N ALA B 60 -13.64 -2.64 12.35
CA ALA B 60 -13.86 -1.79 13.55
C ALA B 60 -14.97 -2.41 14.44
N VAL B 61 -16.11 -2.79 13.86
CA VAL B 61 -17.24 -3.46 14.57
C VAL B 61 -16.72 -4.70 15.30
N LEU B 62 -16.12 -5.65 14.57
CA LEU B 62 -15.71 -6.96 15.11
C LEU B 62 -14.70 -6.76 16.26
N GLU B 63 -13.94 -5.66 16.28
CA GLU B 63 -12.91 -5.42 17.33
C GLU B 63 -13.41 -4.41 18.37
N ASN B 64 -14.69 -3.99 18.29
CA ASN B 64 -15.34 -3.03 19.23
C ASN B 64 -14.50 -1.74 19.27
N GLY B 65 -14.20 -1.20 18.10
CA GLY B 65 -13.29 -0.06 17.94
C GLY B 65 -13.98 1.15 17.35
N HIS B 66 -13.27 2.29 17.35
CA HIS B 66 -13.78 3.61 16.88
C HIS B 66 -13.82 3.64 15.36
N ALA B 67 -12.77 3.19 14.69
CA ALA B 67 -12.66 3.25 13.22
C ALA B 67 -11.60 2.26 12.75
N GLY B 68 -11.76 1.81 11.52
CA GLY B 68 -10.85 0.85 10.86
C GLY B 68 -10.18 1.47 9.66
N PHE B 69 -9.03 0.89 9.29
CA PHE B 69 -8.18 1.35 8.18
C PHE B 69 -7.65 0.10 7.47
N ALA B 70 -7.83 0.04 6.15
CA ALA B 70 -7.39 -1.06 5.26
C ALA B 70 -6.15 -0.66 4.44
N PHE B 71 -5.15 -1.54 4.45
CA PHE B 71 -3.83 -1.34 3.79
C PHE B 71 -3.57 -2.52 2.84
N GLY B 72 -2.62 -2.36 1.92
CA GLY B 72 -2.37 -3.31 0.82
C GLY B 72 -1.70 -4.57 1.31
N SER B 73 -1.35 -4.60 2.59
CA SER B 73 -0.63 -5.71 3.28
C SER B 73 -0.58 -5.46 4.79
N GLY B 74 -0.52 -6.56 5.54
CA GLY B 74 -0.13 -6.58 6.96
C GLY B 74 1.04 -5.66 7.23
N MET B 75 2.11 -5.73 6.42
CA MET B 75 3.32 -4.86 6.59
C MET B 75 2.97 -3.38 6.40
N ALA B 76 2.05 -3.04 5.48
CA ALA B 76 1.64 -1.63 5.29
C ALA B 76 0.88 -1.16 6.53
N ALA B 77 0.08 -2.04 7.13
CA ALA B 77 -0.70 -1.74 8.35
C ALA B 77 0.23 -1.48 9.53
N ILE B 78 1.25 -2.31 9.73
CA ILE B 78 2.24 -2.15 10.84
C ILE B 78 3.04 -0.88 10.59
N THR B 79 3.54 -0.70 9.36
CA THR B 79 4.31 0.51 8.97
C THR B 79 3.46 1.76 9.23
N ALA B 80 2.23 1.82 8.71
CA ALA B 80 1.39 3.02 8.89
C ALA B 80 1.22 3.32 10.39
N THR B 81 1.01 2.28 11.20
CA THR B 81 0.78 2.39 12.65
C THR B 81 2.03 2.95 13.34
N ILE B 82 3.20 2.36 13.09
CA ILE B 82 4.48 2.84 13.71
C ILE B 82 4.80 4.26 13.18
N MET B 83 4.33 4.63 11.99
CA MET B 83 4.56 5.99 11.44
C MET B 83 3.67 7.04 12.12
N LEU B 84 2.81 6.62 13.06
CA LEU B 84 2.06 7.58 13.93
C LEU B 84 3.09 8.28 14.82
N PHE B 85 4.22 7.61 15.07
CA PHE B 85 5.31 8.10 15.94
C PHE B 85 6.29 8.91 15.08
N SER B 86 7.20 9.63 15.72
CA SER B 86 8.19 10.52 15.06
C SER B 86 9.61 10.23 15.61
N LYS B 87 10.64 10.70 14.91
CA LYS B 87 12.08 10.57 15.27
C LYS B 87 12.22 10.89 16.77
N GLY B 88 12.96 10.07 17.51
CA GLY B 88 13.19 10.23 18.97
C GLY B 88 12.05 9.66 19.81
N ASP B 89 11.04 9.03 19.22
CA ASP B 89 10.04 8.20 19.96
C ASP B 89 10.63 6.79 20.11
N HIS B 90 10.23 6.09 21.17
CA HIS B 90 10.71 4.73 21.57
C HIS B 90 9.52 3.79 21.66
N VAL B 91 9.60 2.63 21.00
CA VAL B 91 8.56 1.58 21.17
C VAL B 91 9.20 0.31 21.75
N ILE B 92 8.50 -0.28 22.74
CA ILE B 92 8.83 -1.60 23.33
C ILE B 92 8.06 -2.65 22.52
N LEU B 93 8.73 -3.68 22.01
CA LEU B 93 8.08 -4.76 21.24
C LEU B 93 8.31 -6.11 21.92
N THR B 94 7.34 -7.01 21.78
CA THR B 94 7.51 -8.46 22.03
C THR B 94 8.76 -8.92 21.27
N ASP B 95 9.62 -9.70 21.93
CA ASP B 95 10.98 -10.06 21.43
C ASP B 95 10.88 -11.04 20.26
N ASP B 96 9.91 -11.95 20.23
CA ASP B 96 9.80 -12.92 19.10
C ASP B 96 8.62 -12.50 18.22
N VAL B 97 8.48 -11.19 17.97
CA VAL B 97 7.53 -10.68 16.93
C VAL B 97 7.91 -11.33 15.60
N TYR B 98 6.90 -11.47 14.74
CA TYR B 98 6.92 -11.92 13.33
C TYR B 98 8.15 -11.31 12.62
N GLY B 99 8.82 -12.08 11.77
CA GLY B 99 10.04 -11.69 11.04
C GLY B 99 9.87 -10.38 10.28
N GLY B 100 8.81 -10.26 9.47
CA GLY B 100 8.51 -9.04 8.68
C GLY B 100 8.41 -7.79 9.55
N THR B 101 7.82 -7.92 10.74
CA THR B 101 7.74 -6.85 11.78
C THR B 101 9.16 -6.54 12.27
N TYR B 102 9.97 -7.57 12.51
CA TYR B 102 11.35 -7.37 13.03
C TYR B 102 12.07 -6.48 12.02
N ARG B 103 11.87 -6.80 10.75
CA ARG B 103 12.62 -6.21 9.64
C ARG B 103 12.21 -4.75 9.51
N VAL B 104 10.92 -4.42 9.58
CA VAL B 104 10.46 -3.02 9.36
C VAL B 104 10.97 -2.16 10.52
N ILE B 105 10.94 -2.67 11.75
CA ILE B 105 11.47 -1.94 12.95
C ILE B 105 12.99 -1.72 12.82
N THR B 106 13.75 -2.76 12.46
CA THR B 106 15.23 -2.75 12.60
C THR B 106 15.95 -2.34 11.31
N LYS B 107 15.36 -2.45 10.12
CA LYS B 107 16.06 -2.11 8.85
C LYS B 107 15.41 -0.91 8.14
N VAL B 108 14.17 -0.54 8.47
CA VAL B 108 13.49 0.62 7.80
C VAL B 108 13.35 1.75 8.82
N LEU B 109 12.58 1.54 9.89
CA LEU B 109 12.05 2.63 10.74
C LEU B 109 13.14 3.14 11.70
N ASN B 110 14.18 2.35 11.92
CA ASN B 110 15.40 2.82 12.63
C ASN B 110 16.04 3.99 11.88
N ARG B 111 15.92 4.04 10.54
CA ARG B 111 16.58 5.07 9.68
C ARG B 111 15.78 6.35 9.79
N PHE B 112 14.61 6.31 10.43
CA PHE B 112 13.67 7.45 10.52
C PHE B 112 13.60 7.92 11.98
N GLY B 113 14.58 7.51 12.81
CA GLY B 113 14.76 8.01 14.19
C GLY B 113 13.83 7.35 15.19
N ILE B 114 13.09 6.31 14.79
CA ILE B 114 12.19 5.57 15.72
C ILE B 114 13.05 4.50 16.40
N GLU B 115 13.09 4.57 17.73
CA GLU B 115 13.94 3.71 18.58
C GLU B 115 13.09 2.54 19.07
N HIS B 116 13.73 1.43 19.41
CA HIS B 116 13.03 0.22 19.89
C HIS B 116 13.85 -0.50 20.96
N THR B 117 13.14 -1.24 21.81
CA THR B 117 13.70 -2.28 22.69
C THR B 117 12.85 -3.54 22.54
N PHE B 118 13.48 -4.64 22.16
CA PHE B 118 12.90 -6.00 22.20
C PHE B 118 12.97 -6.53 23.65
N VAL B 119 11.79 -6.92 24.17
CA VAL B 119 11.58 -7.40 25.57
C VAL B 119 10.71 -8.67 25.54
N ASP B 120 10.96 -9.54 26.51
CA ASP B 120 10.07 -10.67 26.90
C ASP B 120 8.82 -10.07 27.54
N THR B 121 7.75 -9.92 26.78
CA THR B 121 6.51 -9.24 27.23
C THR B 121 5.70 -10.17 28.16
N THR B 122 6.12 -11.43 28.35
CA THR B 122 5.56 -12.36 29.38
C THR B 122 6.05 -11.98 30.79
N ASN B 123 7.00 -11.04 30.90
CA ASN B 123 7.61 -10.61 32.18
C ASN B 123 7.35 -9.11 32.36
N LEU B 124 6.25 -8.77 33.04
CA LEU B 124 5.78 -7.37 33.25
C LEU B 124 6.83 -6.51 33.98
N GLU B 125 7.73 -7.12 34.76
CA GLU B 125 8.84 -6.38 35.42
C GLU B 125 9.78 -5.83 34.34
N GLU B 126 10.27 -6.72 33.48
CA GLU B 126 11.20 -6.41 32.36
C GLU B 126 10.59 -5.39 31.39
N VAL B 127 9.32 -5.53 31.05
CA VAL B 127 8.59 -4.52 30.22
C VAL B 127 8.75 -3.17 30.90
N GLU B 128 8.47 -3.11 32.20
CA GLU B 128 8.42 -1.85 32.97
C GLU B 128 9.81 -1.18 32.99
N GLU B 129 10.90 -1.94 33.13
CA GLU B 129 12.25 -1.33 33.21
C GLU B 129 12.87 -1.21 31.81
N ALA B 130 12.07 -1.33 30.74
CA ALA B 130 12.49 -0.93 29.37
C ALA B 130 11.88 0.44 29.05
N ILE B 131 10.89 0.88 29.83
CA ILE B 131 10.20 2.18 29.63
C ILE B 131 11.22 3.31 29.81
N ARG B 132 11.46 4.09 28.76
CA ARG B 132 12.30 5.31 28.78
C ARG B 132 11.39 6.54 28.71
N PRO B 133 11.89 7.74 29.00
CA PRO B 133 11.04 8.94 28.95
C PRO B 133 10.53 9.27 27.54
N ASN B 134 11.19 8.73 26.50
CA ASN B 134 10.81 8.97 25.08
C ASN B 134 9.92 7.82 24.58
N THR B 135 9.62 6.81 25.41
CA THR B 135 8.72 5.67 25.07
C THR B 135 7.29 6.19 24.86
N LYS B 136 6.62 5.71 23.81
CA LYS B 136 5.26 6.16 23.43
C LYS B 136 4.27 4.98 23.37
N ALA B 137 4.76 3.76 23.15
CA ALA B 137 3.88 2.58 23.01
C ALA B 137 4.66 1.32 23.33
N ILE B 138 3.88 0.30 23.67
CA ILE B 138 4.28 -1.12 23.83
C ILE B 138 3.51 -1.91 22.76
N TYR B 139 4.23 -2.65 21.95
CA TYR B 139 3.69 -3.42 20.81
C TYR B 139 3.77 -4.88 21.22
N VAL B 140 2.64 -5.55 21.21
CA VAL B 140 2.53 -6.98 21.63
C VAL B 140 1.88 -7.82 20.54
N GLU B 141 2.50 -8.96 20.25
CA GLU B 141 2.02 -10.05 19.36
C GLU B 141 1.74 -11.29 20.21
N THR B 142 0.46 -11.65 20.40
CA THR B 142 0.08 -12.82 21.23
C THR B 142 -1.05 -13.64 20.58
N PRO B 143 -0.89 -14.96 20.35
CA PRO B 143 0.38 -15.66 20.53
C PRO B 143 1.42 -15.31 19.46
N THR B 144 2.68 -15.68 19.69
CA THR B 144 3.79 -15.35 18.77
C THR B 144 3.96 -16.47 17.76
N ASN B 145 4.60 -16.11 16.66
CA ASN B 145 5.05 -16.95 15.53
C ASN B 145 6.53 -17.25 15.75
N PRO B 146 6.99 -18.51 15.81
CA PRO B 146 6.16 -19.71 15.69
C PRO B 146 5.91 -20.50 16.99
N LEU B 147 6.34 -19.98 18.15
CA LEU B 147 6.32 -20.74 19.44
C LEU B 147 5.06 -20.45 20.25
N LEU B 148 4.18 -19.54 19.81
CA LEU B 148 2.83 -19.37 20.39
C LEU B 148 2.92 -19.00 21.88
N LYS B 149 3.93 -18.22 22.22
CA LYS B 149 4.17 -17.67 23.57
C LYS B 149 3.09 -16.61 23.84
N ILE B 150 2.61 -16.51 25.08
CA ILE B 150 1.37 -15.76 25.44
C ILE B 150 1.72 -14.59 26.35
N THR B 151 1.18 -13.42 26.04
CA THR B 151 1.43 -12.14 26.74
C THR B 151 0.10 -11.68 27.32
N ASP B 152 0.09 -11.32 28.61
CA ASP B 152 -1.11 -10.80 29.31
C ASP B 152 -1.45 -9.42 28.73
N ILE B 153 -2.45 -9.35 27.85
CA ILE B 153 -2.84 -8.06 27.19
C ILE B 153 -3.37 -7.10 28.26
N LYS B 154 -4.14 -7.58 29.24
CA LYS B 154 -4.84 -6.71 30.20
C LYS B 154 -3.78 -6.09 31.11
N LYS B 155 -2.75 -6.86 31.45
CA LYS B 155 -1.67 -6.39 32.35
C LYS B 155 -0.83 -5.37 31.59
N ILE B 156 -0.36 -5.68 30.38
CA ILE B 156 0.38 -4.74 29.49
C ILE B 156 -0.42 -3.43 29.37
N SER B 157 -1.70 -3.49 29.00
CA SER B 157 -2.55 -2.29 28.80
C SER B 157 -2.56 -1.41 30.05
N THR B 158 -2.68 -2.00 31.23
CA THR B 158 -2.86 -1.25 32.51
C THR B 158 -1.50 -0.61 32.86
N LEU B 159 -0.37 -1.35 32.72
CA LEU B 159 1.00 -0.77 32.83
C LEU B 159 1.12 0.43 31.88
N ALA B 160 0.78 0.23 30.60
CA ALA B 160 0.85 1.24 29.54
C ALA B 160 0.02 2.47 29.96
N LYS B 161 -1.28 2.32 30.21
CA LYS B 161 -2.14 3.48 30.57
C LYS B 161 -1.55 4.24 31.78
N GLU B 162 -0.99 3.52 32.76
CA GLU B 162 -0.33 4.09 33.97
C GLU B 162 0.89 4.94 33.56
N LYS B 163 1.65 4.57 32.54
CA LYS B 163 2.83 5.35 32.06
C LYS B 163 2.50 6.23 30.85
N ASP B 164 1.21 6.52 30.60
CA ASP B 164 0.69 7.30 29.44
C ASP B 164 1.25 6.76 28.11
N LEU B 165 1.33 5.44 27.94
CA LEU B 165 1.79 4.77 26.69
C LEU B 165 0.58 4.20 25.94
N LEU B 166 0.65 4.14 24.62
CA LEU B 166 -0.37 3.45 23.77
C LEU B 166 -0.07 1.95 23.79
N THR B 167 -1.10 1.12 23.82
CA THR B 167 -0.97 -0.35 23.64
C THR B 167 -1.45 -0.74 22.24
N ILE B 168 -0.57 -1.41 21.48
CA ILE B 168 -0.81 -1.91 20.11
C ILE B 168 -0.74 -3.43 20.17
N ILE B 169 -1.75 -4.14 19.65
CA ILE B 169 -1.76 -5.63 19.69
C ILE B 169 -1.89 -6.16 18.27
N ASP B 170 -0.98 -7.04 17.86
CA ASP B 170 -1.11 -7.81 16.61
C ASP B 170 -1.94 -9.06 16.95
N ASN B 171 -3.21 -9.03 16.54
CA ASN B 171 -4.26 -10.02 16.85
C ASN B 171 -4.50 -10.94 15.66
N THR B 172 -3.52 -11.14 14.80
CA THR B 172 -3.64 -11.91 13.54
C THR B 172 -4.05 -13.37 13.86
N PHE B 173 -3.25 -14.06 14.69
CA PHE B 173 -3.40 -15.53 14.97
C PHE B 173 -4.73 -15.87 15.66
N MET B 174 -5.20 -15.02 16.58
CA MET B 174 -6.46 -15.27 17.32
C MET B 174 -7.68 -14.83 16.50
N THR B 175 -7.59 -13.74 15.74
CA THR B 175 -8.68 -13.04 14.99
C THR B 175 -9.61 -12.37 15.98
N PRO B 176 -10.51 -11.47 15.53
CA PRO B 176 -11.53 -10.94 16.43
C PRO B 176 -12.52 -11.99 17.00
N TYR B 177 -12.56 -13.21 16.46
CA TYR B 177 -13.53 -14.23 16.92
C TYR B 177 -13.12 -14.77 18.30
N TRP B 178 -11.83 -14.87 18.60
CA TRP B 178 -11.33 -15.55 19.81
C TRP B 178 -10.84 -14.56 20.86
N GLN B 179 -10.26 -13.43 20.45
CA GLN B 179 -9.54 -12.45 21.31
C GLN B 179 -9.99 -11.04 20.91
N SER B 180 -10.28 -10.19 21.91
CA SER B 180 -10.78 -8.80 21.78
C SER B 180 -9.86 -7.86 22.56
N PRO B 181 -8.66 -7.58 22.02
CA PRO B 181 -7.70 -6.67 22.66
C PRO B 181 -8.20 -5.30 23.12
N ILE B 182 -9.11 -4.64 22.40
CA ILE B 182 -9.62 -3.30 22.84
C ILE B 182 -10.42 -3.49 24.12
N SER B 183 -11.21 -4.57 24.23
CA SER B 183 -11.95 -4.98 25.45
C SER B 183 -10.98 -5.17 26.63
N LEU B 184 -9.77 -5.67 26.39
CA LEU B 184 -8.75 -5.88 27.44
C LEU B 184 -7.93 -4.60 27.69
N GLY B 185 -8.23 -3.48 27.01
CA GLY B 185 -7.61 -2.15 27.22
C GLY B 185 -6.62 -1.71 26.13
N ALA B 186 -6.56 -2.35 24.95
CA ALA B 186 -5.69 -1.91 23.85
C ALA B 186 -6.28 -0.65 23.19
N ASP B 187 -5.40 0.24 22.72
CA ASP B 187 -5.75 1.46 21.94
C ASP B 187 -5.81 1.12 20.46
N ILE B 188 -4.95 0.22 20.01
CA ILE B 188 -4.76 -0.09 18.57
C ILE B 188 -4.64 -1.61 18.41
N VAL B 189 -5.36 -2.18 17.45
CA VAL B 189 -5.25 -3.63 17.16
C VAL B 189 -5.13 -3.77 15.65
N LEU B 190 -4.23 -4.62 15.19
CA LEU B 190 -4.05 -4.77 13.73
C LEU B 190 -4.00 -6.25 13.34
N HIS B 191 -4.10 -6.50 12.05
CA HIS B 191 -4.17 -7.85 11.42
C HIS B 191 -3.41 -7.86 10.11
N SER B 192 -2.59 -8.88 9.88
CA SER B 192 -2.37 -9.43 8.51
C SER B 192 -3.66 -10.13 8.08
N ALA B 193 -4.58 -9.40 7.45
CA ALA B 193 -5.85 -9.93 6.90
C ALA B 193 -5.57 -10.98 5.80
N THR B 194 -4.33 -11.05 5.34
CA THR B 194 -3.77 -12.07 4.40
C THR B 194 -4.01 -13.49 4.94
N LYS B 195 -4.13 -13.64 6.26
CA LYS B 195 -4.22 -14.95 6.96
C LYS B 195 -5.71 -15.31 7.14
N TYR B 196 -6.18 -15.31 8.39
CA TYR B 196 -7.48 -15.91 8.76
C TYR B 196 -8.60 -15.06 8.17
N LEU B 197 -8.53 -13.73 8.28
CA LEU B 197 -9.67 -12.84 7.91
C LEU B 197 -10.07 -13.10 6.46
N GLY B 198 -9.13 -13.11 5.53
CA GLY B 198 -9.40 -13.52 4.13
C GLY B 198 -9.70 -15.01 4.07
N GLY B 199 -8.81 -15.81 4.65
CA GLY B 199 -9.05 -17.23 4.94
C GLY B 199 -8.91 -18.14 3.73
N HIS B 200 -8.75 -17.61 2.53
CA HIS B 200 -8.74 -18.43 1.28
C HIS B 200 -7.42 -18.30 0.52
N SER B 201 -6.35 -17.85 1.18
CA SER B 201 -4.99 -17.74 0.56
C SER B 201 -5.04 -16.89 -0.69
N ASP B 202 -5.92 -15.90 -0.78
CA ASP B 202 -6.13 -15.23 -2.09
C ASP B 202 -6.24 -13.71 -1.99
N VAL B 203 -5.92 -13.10 -0.84
CA VAL B 203 -5.87 -11.63 -0.66
C VAL B 203 -4.63 -11.30 0.20
N VAL B 204 -3.82 -10.33 -0.22
CA VAL B 204 -2.79 -9.75 0.67
C VAL B 204 -3.38 -8.44 1.15
N ALA B 205 -3.47 -8.26 2.46
CA ALA B 205 -4.15 -7.10 3.09
C ALA B 205 -3.73 -6.98 4.55
N GLY B 206 -3.76 -5.75 5.05
CA GLY B 206 -3.60 -5.37 6.46
C GLY B 206 -4.80 -4.57 6.93
N LEU B 207 -5.16 -4.71 8.21
CA LEU B 207 -6.25 -3.95 8.84
C LEU B 207 -5.74 -3.36 10.15
N VAL B 208 -6.17 -2.15 10.48
CA VAL B 208 -5.85 -1.50 11.78
C VAL B 208 -7.15 -0.93 12.32
N VAL B 209 -7.42 -1.20 13.59
CA VAL B 209 -8.58 -0.64 14.33
C VAL B 209 -8.00 0.20 15.47
N VAL B 210 -8.50 1.44 15.60
CA VAL B 210 -8.09 2.40 16.68
C VAL B 210 -9.30 2.65 17.61
N ASN B 211 -9.08 3.00 18.87
CA ASN B 211 -10.24 3.19 19.78
C ASN B 211 -10.39 4.62 20.25
N SER B 212 -9.99 5.63 19.47
CA SER B 212 -10.18 7.06 19.81
C SER B 212 -10.27 7.85 18.52
N PRO B 213 -11.04 8.96 18.51
CA PRO B 213 -11.11 9.83 17.34
C PRO B 213 -9.75 10.46 17.02
N GLN B 214 -8.92 10.76 18.02
CA GLN B 214 -7.61 11.41 17.75
C GLN B 214 -6.73 10.44 16.94
N LEU B 215 -6.69 9.18 17.35
CA LEU B 215 -5.94 8.11 16.64
C LEU B 215 -6.55 7.88 15.23
N ALA B 216 -7.87 8.01 15.08
CA ALA B 216 -8.54 7.87 13.76
C ALA B 216 -8.12 9.04 12.85
N GLU B 217 -8.07 10.27 13.34
CA GLU B 217 -7.66 11.43 12.50
C GLU B 217 -6.19 11.23 12.08
N ASP B 218 -5.36 10.76 13.01
CA ASP B 218 -3.89 10.69 12.82
C ASP B 218 -3.57 9.57 11.84
N LEU B 219 -4.11 8.38 12.06
CA LEU B 219 -3.80 7.21 11.17
C LEU B 219 -4.45 7.45 9.80
N HIS B 220 -5.60 8.11 9.73
CA HIS B 220 -6.24 8.41 8.43
C HIS B 220 -5.32 9.34 7.66
N PHE B 221 -4.72 10.30 8.38
CA PHE B 221 -3.81 11.28 7.79
C PHE B 221 -2.63 10.51 7.19
N VAL B 222 -2.12 9.51 7.89
CA VAL B 222 -0.96 8.73 7.39
C VAL B 222 -1.41 7.93 6.17
N GLN B 223 -2.51 7.20 6.29
CA GLN B 223 -3.09 6.36 5.21
C GLN B 223 -3.21 7.21 3.94
N ASN B 224 -3.90 8.35 4.02
CA ASN B 224 -4.19 9.26 2.87
C ASN B 224 -2.88 9.86 2.33
N SER B 225 -1.94 10.20 3.21
CA SER B 225 -0.69 10.92 2.84
C SER B 225 0.29 9.95 2.17
N THR B 226 0.49 8.77 2.76
CA THR B 226 1.48 7.75 2.31
C THR B 226 0.85 6.69 1.40
N GLY B 227 -0.47 6.48 1.46
CA GLY B 227 -1.28 5.88 0.37
C GLY B 227 -1.12 4.38 0.17
N GLY B 228 -0.71 3.62 1.19
CA GLY B 228 -0.59 2.16 1.14
C GLY B 228 -1.95 1.46 1.29
N ILE B 229 -2.95 1.88 0.49
CA ILE B 229 -4.37 1.52 0.67
C ILE B 229 -4.60 0.11 0.07
N LEU B 230 -5.64 -0.56 0.55
CA LEU B 230 -6.17 -1.79 -0.07
C LEU B 230 -7.13 -1.36 -1.16
N GLY B 231 -7.06 -2.02 -2.32
CA GLY B 231 -7.98 -1.69 -3.41
C GLY B 231 -9.36 -2.30 -3.20
N PRO B 232 -10.33 -1.93 -4.06
CA PRO B 232 -11.72 -2.32 -3.85
C PRO B 232 -12.02 -3.80 -4.05
N GLN B 233 -11.39 -4.44 -5.05
CA GLN B 233 -11.53 -5.89 -5.31
C GLN B 233 -11.03 -6.69 -4.08
N ASP B 234 -9.84 -6.39 -3.59
CA ASP B 234 -9.30 -7.04 -2.39
C ASP B 234 -10.23 -6.76 -1.21
N SER B 235 -10.71 -5.53 -1.08
CA SER B 235 -11.64 -5.15 0.02
C SER B 235 -12.88 -6.08 0.01
N PHE B 236 -13.42 -6.31 -1.18
CA PHE B 236 -14.62 -7.15 -1.41
C PHE B 236 -14.33 -8.62 -1.01
N LEU B 237 -13.20 -9.13 -1.44
CA LEU B 237 -12.82 -10.55 -1.19
C LEU B 237 -12.60 -10.76 0.31
N LEU B 238 -12.17 -9.71 0.99
CA LEU B 238 -11.85 -9.76 2.43
C LEU B 238 -13.15 -9.68 3.23
N LEU B 239 -14.03 -8.76 2.87
CA LEU B 239 -15.43 -8.76 3.36
C LEU B 239 -16.02 -10.16 3.18
N ARG B 240 -15.93 -10.73 1.98
CA ARG B 240 -16.50 -12.06 1.68
C ARG B 240 -15.96 -13.08 2.68
N GLY B 241 -14.65 -13.15 2.86
CA GLY B 241 -14.01 -14.09 3.78
C GLY B 241 -14.48 -13.88 5.21
N LEU B 242 -14.59 -12.63 5.64
CA LEU B 242 -15.08 -12.29 7.00
C LEU B 242 -16.39 -13.02 7.30
N LYS B 243 -17.25 -13.22 6.29
CA LYS B 243 -18.60 -13.81 6.47
C LYS B 243 -18.48 -15.19 7.12
N THR B 244 -17.49 -16.02 6.72
CA THR B 244 -17.27 -17.37 7.26
C THR B 244 -16.16 -17.39 8.31
N LEU B 245 -15.75 -16.26 8.88
CA LEU B 245 -14.64 -16.34 9.87
C LEU B 245 -15.06 -17.16 11.09
N GLY B 246 -16.29 -17.02 11.60
CA GLY B 246 -16.72 -17.75 12.81
C GLY B 246 -16.69 -19.27 12.61
N ILE B 247 -17.38 -19.76 11.59
CA ILE B 247 -17.49 -21.22 11.30
C ILE B 247 -16.13 -21.79 10.86
N ARG B 248 -15.29 -21.00 10.21
CA ARG B 248 -13.89 -21.43 9.84
C ARG B 248 -13.09 -21.64 11.11
N MET B 249 -13.08 -20.68 12.05
CA MET B 249 -12.25 -20.78 13.27
C MET B 249 -12.78 -21.95 14.16
N GLU B 250 -14.11 -22.19 14.23
CA GLU B 250 -14.68 -23.33 15.02
C GLU B 250 -14.14 -24.65 14.43
N GLU B 251 -14.06 -24.76 13.12
CA GLU B 251 -13.58 -26.01 12.47
C GLU B 251 -12.06 -26.13 12.68
N HIS B 252 -11.32 -25.04 12.44
CA HIS B 252 -9.86 -24.92 12.68
C HIS B 252 -9.55 -25.40 14.10
N GLU B 253 -10.27 -24.87 15.08
CA GLU B 253 -10.10 -25.17 16.52
C GLU B 253 -10.23 -26.69 16.79
N THR B 254 -11.28 -27.31 16.26
CA THR B 254 -11.56 -28.74 16.51
C THR B 254 -10.44 -29.57 15.90
N ASN B 255 -10.01 -29.27 14.69
CA ASN B 255 -8.93 -30.06 14.02
C ASN B 255 -7.63 -29.89 14.83
N SER B 256 -7.36 -28.68 15.28
CA SER B 256 -6.07 -28.29 15.94
C SER B 256 -5.97 -28.91 17.34
N ARG B 257 -6.98 -28.81 18.20
CA ARG B 257 -6.93 -29.48 19.54
C ARG B 257 -6.62 -30.99 19.39
N ALA B 258 -7.28 -31.67 18.45
CA ALA B 258 -7.07 -33.12 18.21
C ALA B 258 -5.66 -33.37 17.65
N ILE B 259 -5.15 -32.53 16.75
CA ILE B 259 -3.81 -32.74 16.15
C ILE B 259 -2.75 -32.42 17.21
N ALA B 260 -3.00 -31.41 18.04
CA ALA B 260 -2.06 -30.99 19.11
C ALA B 260 -1.93 -32.12 20.13
N GLU B 261 -3.07 -32.67 20.60
CA GLU B 261 -3.10 -33.90 21.45
C GLU B 261 -2.41 -35.05 20.70
N PHE B 262 -2.77 -35.31 19.45
CA PHE B 262 -2.14 -36.43 18.68
C PHE B 262 -0.62 -36.28 18.69
N LEU B 263 -0.09 -35.11 18.31
CA LEU B 263 1.36 -34.91 18.13
C LEU B 263 2.08 -34.98 19.48
N ASN B 264 1.43 -34.47 20.53
CA ASN B 264 2.01 -34.38 21.89
C ASN B 264 2.22 -35.79 22.47
N ASN B 265 1.48 -36.80 21.99
CA ASN B 265 1.56 -38.20 22.48
C ASN B 265 2.34 -39.07 21.49
N HIS B 266 2.81 -38.56 20.34
CA HIS B 266 3.53 -39.36 19.33
C HIS B 266 4.96 -39.54 19.80
N PRO B 267 5.60 -40.72 19.57
CA PRO B 267 6.97 -40.97 20.02
C PRO B 267 8.10 -40.31 19.23
N LYS B 268 7.82 -39.72 18.07
CA LYS B 268 8.86 -39.07 17.24
C LYS B 268 8.83 -37.55 17.45
N VAL B 269 8.07 -37.08 18.44
CA VAL B 269 7.82 -35.64 18.65
C VAL B 269 8.25 -35.36 20.09
N ASN B 270 9.25 -34.49 20.26
CA ASN B 270 9.88 -34.24 21.59
C ASN B 270 9.04 -33.22 22.34
N LYS B 271 8.61 -32.18 21.63
CA LYS B 271 8.01 -30.96 22.20
C LYS B 271 6.96 -30.45 21.21
N VAL B 272 5.82 -29.98 21.74
CA VAL B 272 4.70 -29.43 20.95
C VAL B 272 4.33 -28.08 21.55
N TYR B 273 4.30 -27.05 20.70
CA TYR B 273 3.85 -25.69 21.07
C TYR B 273 2.40 -25.58 20.62
N TYR B 274 1.48 -25.31 21.54
CA TYR B 274 0.05 -25.05 21.25
C TYR B 274 -0.60 -24.54 22.54
N PRO B 275 -1.30 -23.38 22.52
CA PRO B 275 -1.79 -22.77 23.74
C PRO B 275 -2.77 -23.69 24.48
N GLY B 276 -3.30 -24.69 23.77
CA GLY B 276 -4.36 -25.60 24.26
C GLY B 276 -3.82 -26.74 25.11
N LEU B 277 -2.54 -27.13 24.97
CA LEU B 277 -1.93 -28.12 25.91
C LEU B 277 -1.85 -27.48 27.30
N GLU B 278 -2.23 -28.24 28.34
CA GLU B 278 -2.12 -27.80 29.76
C GLU B 278 -0.65 -27.59 30.12
N SER B 279 0.27 -28.28 29.43
CA SER B 279 1.75 -28.19 29.64
C SER B 279 2.35 -26.94 28.97
N HIS B 280 1.64 -26.23 28.08
CA HIS B 280 2.20 -25.05 27.35
C HIS B 280 2.32 -23.86 28.32
N GLN B 281 3.38 -23.07 28.24
CA GLN B 281 3.57 -21.90 29.14
C GLN B 281 2.37 -20.95 29.02
N ASN B 282 1.80 -20.56 30.15
CA ASN B 282 0.65 -19.62 30.28
C ASN B 282 -0.60 -20.15 29.55
N HIS B 283 -0.77 -21.47 29.50
CA HIS B 283 -2.05 -22.14 29.12
C HIS B 283 -3.19 -21.50 29.91
N GLU B 284 -2.98 -21.21 31.18
CA GLU B 284 -4.06 -20.65 32.03
C GLU B 284 -4.46 -19.28 31.48
N LEU B 285 -3.47 -18.43 31.17
CA LEU B 285 -3.72 -17.10 30.58
C LEU B 285 -4.41 -17.24 29.22
N ALA B 286 -3.88 -18.13 28.36
CA ALA B 286 -4.45 -18.42 27.04
C ALA B 286 -5.97 -18.64 27.17
N THR B 287 -6.42 -19.43 28.17
CA THR B 287 -7.85 -19.82 28.38
C THR B 287 -8.64 -18.65 28.95
N GLU B 288 -8.01 -17.72 29.67
CA GLU B 288 -8.68 -16.48 30.19
C GLU B 288 -8.88 -15.38 29.11
N GLN B 289 -7.85 -14.97 28.34
CA GLN B 289 -7.94 -13.72 27.50
C GLN B 289 -8.47 -14.03 26.08
N ALA B 290 -8.61 -15.30 25.71
CA ALA B 290 -9.14 -15.78 24.41
C ALA B 290 -10.12 -16.95 24.59
N ASN B 291 -11.11 -17.08 23.71
CA ASN B 291 -12.16 -18.14 23.78
C ASN B 291 -11.76 -19.34 22.93
N GLY B 292 -10.61 -19.28 22.27
CA GLY B 292 -10.06 -20.41 21.51
C GLY B 292 -8.56 -20.41 21.64
N PHE B 293 -7.94 -21.57 21.43
CA PHE B 293 -6.50 -21.73 21.13
C PHE B 293 -6.43 -21.52 19.63
N GLY B 294 -5.29 -21.49 18.98
CA GLY B 294 -5.38 -21.14 17.55
C GLY B 294 -5.60 -22.36 16.67
N ALA B 295 -5.12 -22.27 15.43
CA ALA B 295 -5.03 -23.37 14.45
C ALA B 295 -3.59 -23.45 13.97
N ILE B 296 -2.66 -22.90 14.77
CA ILE B 296 -1.20 -22.96 14.49
C ILE B 296 -0.57 -23.86 15.55
N ILE B 297 0.19 -24.85 15.09
CA ILE B 297 0.93 -25.79 15.95
C ILE B 297 2.32 -25.91 15.38
N SER B 298 3.30 -25.68 16.23
CA SER B 298 4.73 -26.03 16.00
C SER B 298 5.07 -27.26 16.85
N PHE B 299 5.87 -28.15 16.28
CA PHE B 299 6.31 -29.38 16.96
C PHE B 299 7.73 -29.72 16.51
N ASP B 300 8.53 -30.11 17.49
CA ASP B 300 9.95 -30.52 17.35
C ASP B 300 9.99 -32.03 17.13
N VAL B 301 10.32 -32.46 15.92
CA VAL B 301 10.44 -33.91 15.60
C VAL B 301 11.83 -34.38 16.06
N ASP B 302 12.05 -35.69 16.04
CA ASP B 302 13.18 -36.37 16.75
C ASP B 302 14.48 -36.21 15.96
N SER B 303 14.45 -35.96 14.65
CA SER B 303 15.67 -35.96 13.80
C SER B 303 15.42 -35.39 12.40
N GLU B 304 16.51 -35.07 11.73
CA GLU B 304 16.55 -34.53 10.35
C GLU B 304 15.81 -35.49 9.41
N GLU B 305 15.97 -36.79 9.59
CA GLU B 305 15.44 -37.80 8.64
C GLU B 305 13.90 -37.86 8.77
N THR B 306 13.39 -37.73 9.99
CA THR B 306 11.93 -37.62 10.28
C THR B 306 11.40 -36.39 9.55
N LEU B 307 11.94 -35.20 9.85
CA LEU B 307 11.59 -33.91 9.19
C LEU B 307 11.41 -34.15 7.69
N ASN B 308 12.40 -34.77 7.05
CA ASN B 308 12.45 -34.94 5.58
C ASN B 308 11.40 -35.95 5.12
N LYS B 309 11.17 -37.00 5.91
CA LYS B 309 10.09 -37.99 5.64
C LYS B 309 8.73 -37.28 5.71
N VAL B 310 8.49 -36.39 6.68
CA VAL B 310 7.14 -35.78 6.82
C VAL B 310 6.91 -34.84 5.62
N LEU B 311 7.92 -34.03 5.25
CA LEU B 311 7.82 -33.14 4.05
C LEU B 311 7.62 -33.99 2.81
N GLU B 312 8.27 -35.15 2.77
CA GLU B 312 8.22 -36.09 1.63
C GLU B 312 6.78 -36.59 1.44
N LYS B 313 6.06 -36.92 2.52
CA LYS B 313 4.95 -37.93 2.49
C LYS B 313 3.59 -37.30 2.73
N LEU B 314 3.49 -36.22 3.51
CA LEU B 314 2.19 -35.52 3.76
C LEU B 314 1.48 -35.32 2.42
N GLN B 315 0.19 -35.66 2.34
CA GLN B 315 -0.67 -35.44 1.15
C GLN B 315 -1.49 -34.14 1.28
N TYR B 316 -1.91 -33.70 2.47
CA TYR B 316 -2.94 -32.64 2.65
C TYR B 316 -2.37 -31.36 3.24
N PHE B 317 -1.11 -31.38 3.67
CA PHE B 317 -0.38 -30.14 4.06
C PHE B 317 0.49 -29.72 2.88
N THR B 318 0.26 -28.52 2.34
CA THR B 318 1.08 -27.91 1.27
C THR B 318 2.22 -27.10 1.86
N LEU B 319 3.44 -27.35 1.39
CA LEU B 319 4.66 -26.59 1.75
C LEU B 319 4.57 -25.23 1.05
N ALA B 320 4.53 -24.17 1.86
CA ALA B 320 4.25 -22.78 1.42
C ALA B 320 4.34 -21.88 2.64
N GLU B 321 4.71 -20.64 2.40
CA GLU B 321 4.67 -19.60 3.45
C GLU B 321 3.20 -19.22 3.62
N SER B 322 2.91 -18.52 4.71
CA SER B 322 1.57 -18.01 5.06
C SER B 322 0.82 -19.08 5.87
N LEU B 323 -0.37 -18.71 6.34
CA LEU B 323 -1.14 -19.52 7.28
C LEU B 323 -2.55 -18.93 7.35
N GLY B 324 -3.44 -19.62 8.06
CA GLY B 324 -4.81 -19.13 8.27
C GLY B 324 -5.69 -19.41 7.08
N ALA B 325 -5.30 -20.36 6.23
CA ALA B 325 -6.06 -20.71 5.01
C ALA B 325 -6.93 -21.94 5.30
N VAL B 326 -7.99 -22.11 4.51
CA VAL B 326 -8.89 -23.29 4.59
C VAL B 326 -8.09 -24.56 4.23
N GLU B 327 -7.08 -24.44 3.38
CA GLU B 327 -6.17 -25.57 3.06
C GLU B 327 -5.01 -25.56 4.06
N SER B 328 -4.59 -26.75 4.48
CA SER B 328 -3.55 -26.94 5.52
C SER B 328 -2.19 -26.62 4.89
N LEU B 329 -1.33 -25.95 5.65
CA LEU B 329 0.01 -25.50 5.19
C LEU B 329 1.05 -25.94 6.21
N ILE B 330 2.26 -26.23 5.72
CA ILE B 330 3.43 -26.61 6.56
C ILE B 330 4.63 -25.75 6.14
N SER B 331 5.45 -25.32 7.11
CA SER B 331 6.73 -24.61 6.89
C SER B 331 7.78 -25.13 7.89
N ILE B 332 9.05 -24.97 7.56
CA ILE B 332 10.18 -25.22 8.50
C ILE B 332 10.75 -23.88 8.89
N PRO B 333 10.42 -23.34 10.08
CA PRO B 333 10.91 -22.03 10.50
C PRO B 333 12.43 -21.83 10.32
N SER B 334 13.25 -22.83 10.64
CA SER B 334 14.73 -22.70 10.60
C SER B 334 15.20 -22.37 9.18
N GLN B 335 14.47 -22.80 8.15
CA GLN B 335 14.92 -22.65 6.74
C GLN B 335 14.03 -21.68 5.95
N MET B 336 12.96 -21.14 6.54
CA MET B 336 11.91 -20.40 5.79
C MET B 336 11.52 -19.08 6.45
N THR B 337 11.63 -18.93 7.78
CA THR B 337 11.23 -17.67 8.48
C THR B 337 12.40 -17.20 9.35
N HIS B 338 12.95 -18.08 10.19
CA HIS B 338 14.05 -17.80 11.16
C HIS B 338 15.40 -18.30 10.61
N ALA B 339 15.59 -18.21 9.29
CA ALA B 339 16.89 -18.38 8.61
C ALA B 339 17.77 -17.14 8.85
N SER B 340 17.14 -15.95 8.95
CA SER B 340 17.77 -14.62 9.21
C SER B 340 18.57 -14.67 10.52
N ILE B 341 17.89 -14.91 11.64
CA ILE B 341 18.50 -15.01 13.00
C ILE B 341 19.64 -16.04 12.96
N PRO B 342 20.73 -15.84 13.75
CA PRO B 342 21.75 -16.87 13.91
C PRO B 342 21.28 -18.10 14.71
N ALA B 343 22.00 -19.23 14.61
CA ALA B 343 21.78 -20.48 15.42
C ALA B 343 22.02 -20.17 16.91
N ASP B 344 22.75 -19.09 17.16
CA ASP B 344 23.04 -18.45 18.48
C ASP B 344 21.74 -18.26 19.29
N ARG B 345 20.83 -17.37 18.85
CA ARG B 345 19.58 -16.98 19.58
C ARG B 345 18.43 -17.92 19.18
N ARG B 346 18.67 -18.85 18.26
CA ARG B 346 17.68 -19.86 17.82
C ARG B 346 17.63 -21.02 18.83
N LYS B 347 18.58 -21.12 19.74
CA LYS B 347 18.52 -22.06 20.90
C LYS B 347 17.90 -21.33 22.11
N GLU B 348 18.10 -20.00 22.19
CA GLU B 348 17.46 -19.11 23.20
C GLU B 348 15.93 -19.20 23.08
N LEU B 349 15.30 -18.52 22.11
CA LEU B 349 13.91 -18.82 21.67
C LEU B 349 13.97 -20.14 20.87
N GLY B 350 13.59 -21.26 21.51
CA GLY B 350 13.97 -22.64 21.15
C GLY B 350 13.52 -23.06 19.76
N ILE B 351 14.12 -22.48 18.72
CA ILE B 351 13.85 -22.74 17.26
C ILE B 351 14.91 -23.69 16.70
N THR B 352 14.80 -24.95 17.10
CA THR B 352 15.56 -26.09 16.51
C THR B 352 15.44 -26.06 14.99
N ASP B 353 16.30 -26.78 14.26
CA ASP B 353 16.14 -27.00 12.79
C ASP B 353 15.49 -28.36 12.55
N THR B 354 14.80 -28.89 13.56
CA THR B 354 13.78 -29.97 13.45
C THR B 354 12.40 -29.43 13.88
N LEU B 355 12.23 -28.11 14.05
CA LEU B 355 10.90 -27.53 14.37
C LEU B 355 10.13 -27.40 13.06
N ILE B 356 8.91 -27.94 13.05
CA ILE B 356 7.92 -27.87 11.95
C ILE B 356 6.79 -26.94 12.42
N ARG B 357 6.33 -26.02 11.57
CA ARG B 357 5.09 -25.25 11.82
C ARG B 357 4.01 -25.76 10.87
N ILE B 358 2.83 -26.10 11.39
CA ILE B 358 1.66 -26.46 10.54
C ILE B 358 0.56 -25.44 10.86
N SER B 359 -0.14 -25.00 9.82
CA SER B 359 -1.39 -24.22 9.91
C SER B 359 -2.53 -25.17 9.56
N VAL B 360 -3.36 -25.50 10.53
CA VAL B 360 -4.42 -26.56 10.39
C VAL B 360 -5.62 -25.92 9.67
N GLY B 361 -5.96 -26.48 8.52
CA GLY B 361 -7.10 -26.04 7.70
C GLY B 361 -8.40 -26.66 8.18
N ILE B 362 -9.38 -26.76 7.28
CA ILE B 362 -10.78 -27.18 7.58
C ILE B 362 -11.10 -28.43 6.77
N GLU B 363 -10.06 -29.17 6.38
CA GLU B 363 -10.17 -30.55 5.86
C GLU B 363 -10.80 -31.39 6.97
N ASP B 364 -11.27 -32.59 6.65
CA ASP B 364 -11.67 -33.55 7.71
C ASP B 364 -10.51 -33.77 8.71
N GLY B 365 -10.76 -33.44 9.97
CA GLY B 365 -9.84 -33.69 11.11
C GLY B 365 -9.14 -35.03 11.00
N GLU B 366 -9.90 -36.10 10.71
CA GLU B 366 -9.42 -37.50 10.77
C GLU B 366 -8.52 -37.76 9.56
N ASP B 367 -8.82 -37.15 8.43
CA ASP B 367 -7.88 -37.13 7.27
C ASP B 367 -6.54 -36.49 7.66
N LEU B 368 -6.54 -35.36 8.38
CA LEU B 368 -5.28 -34.62 8.67
C LEU B 368 -4.44 -35.43 9.67
N ILE B 369 -5.09 -36.07 10.65
CA ILE B 369 -4.37 -36.86 11.69
C ILE B 369 -3.80 -38.11 11.03
N GLU B 370 -4.58 -38.80 10.21
CA GLU B 370 -4.13 -39.98 9.44
C GLU B 370 -2.90 -39.60 8.59
N ASP B 371 -2.90 -38.39 8.04
CA ASP B 371 -1.87 -37.89 7.08
C ASP B 371 -0.55 -37.65 7.84
N LEU B 372 -0.64 -37.01 9.01
CA LEU B 372 0.51 -36.75 9.92
C LEU B 372 1.04 -38.12 10.39
N ALA B 373 0.15 -39.02 10.84
CA ALA B 373 0.46 -40.39 11.31
C ALA B 373 1.26 -41.16 10.24
N GLN B 374 0.74 -41.32 9.02
CA GLN B 374 1.48 -42.07 7.95
C GLN B 374 2.84 -41.39 7.68
N ALA B 375 2.90 -40.06 7.68
CA ALA B 375 4.12 -39.32 7.28
C ALA B 375 5.22 -39.55 8.33
N LEU B 376 4.83 -39.61 9.61
CA LEU B 376 5.73 -39.65 10.79
C LEU B 376 6.30 -41.05 11.04
N ALA B 377 5.53 -42.12 10.80
CA ALA B 377 5.99 -43.53 10.96
C ALA B 377 6.59 -44.00 9.64
#